data_1NBE
#
_entry.id   1NBE
#
_cell.length_a   122.470
_cell.length_b   122.470
_cell.length_c   142.770
_cell.angle_alpha   90.00
_cell.angle_beta   90.00
_cell.angle_gamma   120.00
#
_symmetry.space_group_name_H-M   'P 3 2 1'
#
loop_
_entity.id
_entity.type
_entity.pdbx_description
1 polymer 'ASPARTATE TRANSCARBAMOYLASE'
2 polymer 'ASPARTATE TRANSCARBAMOYLASE'
3 non-polymer D-MALATE
4 non-polymer 'ZINC ION'
5 water water
#
loop_
_entity_poly.entity_id
_entity_poly.type
_entity_poly.pdbx_seq_one_letter_code
_entity_poly.pdbx_strand_id
1 'polypeptide(L)'
;ANPLYQKHIISINDLSRDDLNLVLATAAKLKANPQPELLKHKVIASCFFEASTRTRLSFQTSMHRLGASVVGFSDSANTS
LGKKGETLADTISVISTYVDAIVMRHPQEGAARLATEFSGNVPVLNAGDGSNQHPTQTLLDLFTIQQTEGRLDNLHVAMV
GDLKYGRTVHSLTQALAKFDGNRFYFIAPDALAMPEYILDMLDEKGIAWSLHSSIEEVMAEVDILYMTRVQKERLDPSEY
ANVKAQFVLRASDLHNAKANMKVLHPLPRVDEIATDVDKTPHAWYFQQAGNGIFARQALLALVLNRDLVL
;
A,C
2 'polypeptide(L)'
;MTHDNKLQVEAIKRGTVIDHIPAQIGFKLLSLFKLTETDQRITIGLNLPSGEMGRKDLIKIENTFLSEDQVDQLALYAPQ
AAVNRIDNYEVVGKSRPSLPERIDNVLVCPNSNCISHAEPVSSSFAVRKRANDIALKCKYCEKEFSHNVVLAN
;
B,D
#
# COMPACT_ATOMS: atom_id res chain seq x y z
N ALA A 1 -10.07 38.59 -23.95
CA ALA A 1 -9.84 37.17 -24.29
C ALA A 1 -11.18 36.44 -24.23
N ASN A 2 -11.30 35.36 -25.03
CA ASN A 2 -12.50 34.50 -25.04
C ASN A 2 -12.68 33.89 -23.61
N PRO A 3 -13.89 33.42 -23.26
CA PRO A 3 -14.09 32.86 -21.93
C PRO A 3 -13.26 31.62 -21.52
N LEU A 4 -12.72 30.89 -22.51
CA LEU A 4 -11.97 29.68 -22.22
C LEU A 4 -10.48 29.87 -22.33
N TYR A 5 -10.07 31.08 -22.68
CA TYR A 5 -8.66 31.36 -22.82
C TYR A 5 -7.86 30.89 -21.60
N GLN A 6 -6.97 29.93 -21.81
CA GLN A 6 -6.11 29.42 -20.74
C GLN A 6 -6.79 28.65 -19.64
N LYS A 7 -8.07 28.37 -19.79
CA LYS A 7 -8.79 27.67 -18.76
C LYS A 7 -8.59 26.18 -18.96
N HIS A 8 -8.71 25.40 -17.89
CA HIS A 8 -8.54 23.94 -17.97
C HIS A 8 -9.86 23.29 -18.34
N ILE A 9 -9.85 22.33 -19.25
CA ILE A 9 -11.09 21.66 -19.61
C ILE A 9 -10.98 20.29 -18.92
N ILE A 10 -11.79 20.07 -17.87
CA ILE A 10 -11.72 18.84 -17.10
C ILE A 10 -13.02 18.10 -16.99
N SER A 11 -14.07 18.79 -16.56
CA SER A 11 -15.39 18.20 -16.39
C SER A 11 -16.42 18.93 -17.23
N ILE A 12 -17.52 18.27 -17.51
CA ILE A 12 -18.54 18.91 -18.33
C ILE A 12 -19.38 19.79 -17.43
N ASN A 13 -19.34 19.54 -16.13
CA ASN A 13 -20.12 20.35 -15.22
C ASN A 13 -19.48 21.69 -15.05
N ASP A 14 -18.18 21.76 -15.36
CA ASP A 14 -17.44 23.01 -15.25
C ASP A 14 -17.78 23.99 -16.36
N LEU A 15 -18.41 23.51 -17.42
CA LEU A 15 -18.76 24.38 -18.51
C LEU A 15 -20.23 24.63 -18.44
N SER A 16 -20.66 25.85 -18.78
CA SER A 16 -22.06 26.22 -18.76
C SER A 16 -22.61 26.13 -20.16
N ARG A 17 -23.93 26.31 -20.27
CA ARG A 17 -24.63 26.28 -21.54
C ARG A 17 -23.98 27.24 -22.55
N ASP A 18 -23.51 28.38 -22.06
CA ASP A 18 -22.92 29.39 -22.91
C ASP A 18 -21.52 29.00 -23.35
N ASP A 19 -20.87 28.12 -22.59
CA ASP A 19 -19.51 27.69 -22.92
C ASP A 19 -19.56 26.61 -23.97
N LEU A 20 -20.60 25.80 -23.89
CA LEU A 20 -20.82 24.72 -24.81
C LEU A 20 -21.13 25.38 -26.17
N ASN A 21 -22.04 26.35 -26.15
CA ASN A 21 -22.42 27.04 -27.38
C ASN A 21 -21.28 27.77 -28.08
N LEU A 22 -20.32 28.26 -27.29
CA LEU A 22 -19.15 28.95 -27.81
C LEU A 22 -18.33 27.91 -28.51
N VAL A 23 -18.05 26.83 -27.80
CA VAL A 23 -17.26 25.76 -28.38
C VAL A 23 -17.98 25.33 -29.66
N LEU A 24 -19.26 25.08 -29.57
CA LEU A 24 -19.99 24.65 -30.76
C LEU A 24 -19.93 25.67 -31.88
N ALA A 25 -20.13 26.94 -31.53
CA ALA A 25 -20.05 28.01 -32.51
C ALA A 25 -18.69 27.95 -33.26
N THR A 26 -17.61 27.84 -32.53
CA THR A 26 -16.28 27.77 -33.16
C THR A 26 -16.09 26.57 -34.07
N ALA A 27 -16.36 25.39 -33.51
CA ALA A 27 -16.23 24.13 -34.22
C ALA A 27 -16.89 24.24 -35.56
N ALA A 28 -18.11 24.73 -35.53
CA ALA A 28 -18.88 24.88 -36.73
C ALA A 28 -18.13 25.76 -37.73
N LYS A 29 -17.54 26.87 -37.23
CA LYS A 29 -16.77 27.85 -38.02
C LYS A 29 -15.38 27.40 -38.47
N LEU A 30 -14.74 26.49 -37.73
CA LEU A 30 -13.41 25.98 -38.13
C LEU A 30 -13.63 24.87 -39.17
N LYS A 31 -14.77 24.21 -39.08
CA LYS A 31 -15.10 23.17 -40.04
C LYS A 31 -15.22 23.87 -41.38
N ALA A 32 -15.91 25.01 -41.38
CA ALA A 32 -16.16 25.85 -42.57
C ALA A 32 -14.93 26.46 -43.22
N ASN A 33 -14.15 27.20 -42.43
CA ASN A 33 -12.94 27.88 -42.94
C ASN A 33 -11.78 27.54 -42.01
N PRO A 34 -10.99 26.53 -42.40
CA PRO A 34 -9.82 25.99 -41.69
C PRO A 34 -8.73 26.98 -41.43
N GLN A 35 -8.12 26.90 -40.26
CA GLN A 35 -7.04 27.82 -39.91
C GLN A 35 -5.88 26.93 -39.53
N PRO A 36 -5.24 26.31 -40.53
CA PRO A 36 -4.10 25.38 -40.43
C PRO A 36 -2.82 25.89 -39.81
N GLU A 37 -2.76 27.17 -39.42
CA GLU A 37 -1.55 27.67 -38.82
C GLU A 37 -1.81 28.48 -37.56
N LEU A 38 -3.06 28.46 -37.11
CA LEU A 38 -3.48 29.13 -35.89
C LEU A 38 -2.59 28.79 -34.67
N LEU A 39 -2.20 27.53 -34.54
CA LEU A 39 -1.36 27.07 -33.46
C LEU A 39 0.08 26.84 -33.81
N LYS A 40 0.50 27.43 -34.91
CA LYS A 40 1.86 27.30 -35.38
C LYS A 40 2.82 27.74 -34.28
N HIS A 41 3.86 26.96 -34.06
CA HIS A 41 4.87 27.25 -33.04
C HIS A 41 4.56 26.77 -31.65
N LYS A 42 3.36 26.25 -31.45
CA LYS A 42 2.99 25.69 -30.15
C LYS A 42 3.46 24.24 -30.18
N VAL A 43 3.70 23.66 -29.01
CA VAL A 43 4.10 22.26 -28.86
C VAL A 43 3.13 21.69 -27.85
N ILE A 44 2.44 20.63 -28.22
CA ILE A 44 1.46 20.01 -27.31
C ILE A 44 1.82 18.60 -26.90
N ALA A 45 1.55 18.30 -25.64
CA ALA A 45 1.81 16.98 -25.10
C ALA A 45 0.59 16.02 -25.17
N SER A 46 0.81 14.85 -25.77
CA SER A 46 -0.22 13.83 -25.91
C SER A 46 0.09 12.75 -24.90
N CYS A 47 -0.31 12.95 -23.66
CA CYS A 47 -0.03 11.94 -22.65
C CYS A 47 -1.13 10.89 -22.46
N PHE A 48 -1.08 9.84 -23.28
CA PHE A 48 -2.04 8.80 -23.10
C PHE A 48 -1.51 7.80 -22.09
N PHE A 49 -1.62 8.14 -20.82
CA PHE A 49 -1.20 7.27 -19.75
C PHE A 49 -2.00 5.92 -19.81
N GLU A 50 -3.18 5.95 -20.43
CA GLU A 50 -4.06 4.81 -20.67
C GLU A 50 -4.20 4.86 -22.18
N ALA A 51 -3.79 3.81 -22.89
CA ALA A 51 -3.87 3.82 -24.35
C ALA A 51 -5.27 4.00 -24.89
N SER A 52 -5.34 4.63 -26.06
CA SER A 52 -6.59 4.87 -26.75
C SER A 52 -6.31 5.48 -28.12
N THR A 53 -6.26 4.64 -29.12
CA THR A 53 -6.01 5.06 -30.48
C THR A 53 -7.06 5.99 -31.09
N ARG A 54 -8.33 5.58 -31.00
CA ARG A 54 -9.45 6.41 -31.50
C ARG A 54 -9.24 7.84 -31.01
N THR A 55 -9.19 8.03 -29.69
CA THR A 55 -9.00 9.33 -29.03
C THR A 55 -7.64 9.97 -29.21
N ARG A 56 -6.58 9.21 -29.20
CA ARG A 56 -5.26 9.79 -29.40
C ARG A 56 -5.16 10.25 -30.85
N LEU A 57 -5.50 9.35 -31.78
CA LEU A 57 -5.45 9.67 -33.22
C LEU A 57 -6.30 10.89 -33.52
N SER A 58 -7.46 11.00 -32.88
CA SER A 58 -8.32 12.14 -33.12
C SER A 58 -7.67 13.43 -32.62
N PHE A 59 -7.29 13.43 -31.36
CA PHE A 59 -6.66 14.63 -30.82
C PHE A 59 -5.50 15.12 -31.64
N GLN A 60 -4.59 14.21 -31.96
CA GLN A 60 -3.39 14.52 -32.71
C GLN A 60 -3.68 15.09 -34.08
N THR A 61 -4.70 14.58 -34.75
CA THR A 61 -5.07 15.10 -36.04
C THR A 61 -5.56 16.51 -35.83
N SER A 62 -6.26 16.72 -34.72
CA SER A 62 -6.74 18.04 -34.38
C SER A 62 -5.55 18.96 -34.22
N MET A 63 -4.46 18.47 -33.64
CA MET A 63 -3.29 19.32 -33.43
C MET A 63 -2.61 19.64 -34.77
N HIS A 64 -2.45 18.63 -35.60
CA HIS A 64 -1.82 18.81 -36.89
C HIS A 64 -2.56 19.67 -37.90
N ARG A 65 -3.87 19.84 -37.72
CA ARG A 65 -4.62 20.69 -38.65
C ARG A 65 -4.65 22.16 -38.21
N LEU A 66 -4.02 22.45 -37.07
CA LEU A 66 -3.96 23.81 -36.54
C LEU A 66 -2.56 24.32 -36.49
N GLY A 67 -1.64 23.52 -37.03
CA GLY A 67 -0.24 23.91 -37.10
C GLY A 67 0.64 23.53 -35.95
N ALA A 68 0.05 23.04 -34.87
CA ALA A 68 0.78 22.65 -33.65
C ALA A 68 1.61 21.40 -33.81
N SER A 69 2.64 21.31 -32.97
CA SER A 69 3.53 20.17 -32.98
C SER A 69 3.03 19.29 -31.90
N VAL A 70 3.57 18.09 -31.81
CA VAL A 70 3.06 17.18 -30.79
C VAL A 70 4.19 16.30 -30.33
N VAL A 71 4.27 16.09 -29.02
CA VAL A 71 5.22 15.17 -28.40
C VAL A 71 4.31 14.38 -27.50
N GLY A 72 4.70 13.22 -27.03
CA GLY A 72 3.78 12.56 -26.16
C GLY A 72 4.04 11.10 -26.21
N PHE A 73 3.24 10.34 -25.48
CA PHE A 73 3.39 8.90 -25.39
C PHE A 73 2.05 8.18 -25.17
N SER A 74 2.07 6.85 -25.13
CA SER A 74 0.87 6.02 -24.89
C SER A 74 1.17 4.71 -24.16
N ASP A 75 0.15 4.18 -23.48
CA ASP A 75 0.25 2.94 -22.69
C ASP A 75 1.37 3.06 -21.67
N SER A 76 1.02 3.14 -20.39
CA SER A 76 2.02 3.21 -19.32
C SER A 76 2.44 1.81 -18.90
N ALA A 77 2.95 1.06 -19.87
CA ALA A 77 3.40 -0.32 -19.67
C ALA A 77 4.23 -0.45 -18.37
N ASN A 78 5.24 0.28 -18.30
CA ASN A 78 6.14 0.28 -17.14
C ASN A 78 6.42 1.72 -16.70
N THR A 79 6.59 2.55 -17.72
CA THR A 79 7.00 3.94 -17.54
C THR A 79 7.59 4.05 -16.16
N SER A 80 8.86 3.75 -16.17
CA SER A 80 9.67 3.82 -14.99
C SER A 80 9.37 5.22 -14.46
N LEU A 81 8.62 5.90 -15.33
CA LEU A 81 8.10 7.27 -15.14
C LEU A 81 6.61 7.18 -14.78
N GLY A 82 6.16 7.59 -13.62
CA GLY A 82 4.78 7.55 -13.22
C GLY A 82 4.37 6.21 -12.61
N LYS A 83 4.62 5.16 -13.38
CA LYS A 83 4.34 3.82 -13.00
C LYS A 83 5.33 3.22 -11.97
N LYS A 84 6.61 3.22 -12.33
CA LYS A 84 7.67 2.64 -11.50
C LYS A 84 7.22 3.53 -10.21
N GLY A 85 7.15 4.84 -10.14
CA GLY A 85 7.14 5.48 -8.83
C GLY A 85 7.08 6.98 -8.90
N GLU A 86 7.29 7.53 -10.08
CA GLU A 86 7.20 8.97 -10.21
C GLU A 86 5.74 9.25 -9.93
N THR A 87 5.47 10.20 -9.03
CA THR A 87 4.09 10.53 -8.73
C THR A 87 3.64 11.47 -9.86
N LEU A 88 2.45 11.21 -10.40
CA LEU A 88 1.85 12.04 -11.45
C LEU A 88 2.18 13.53 -11.27
N ALA A 89 1.98 14.02 -10.05
CA ALA A 89 2.24 15.41 -9.71
C ALA A 89 3.61 15.84 -10.25
N ASP A 90 4.61 15.05 -9.93
CA ASP A 90 5.98 15.30 -10.37
C ASP A 90 6.12 15.19 -11.89
N THR A 91 5.36 14.29 -12.51
CA THR A 91 5.45 14.11 -13.96
C THR A 91 4.89 15.33 -14.70
N ILE A 92 3.78 15.88 -14.23
CA ILE A 92 3.19 17.04 -14.84
C ILE A 92 4.14 18.17 -14.62
N SER A 93 4.52 18.40 -13.36
CA SER A 93 5.46 19.45 -12.98
C SER A 93 6.66 19.56 -13.91
N VAL A 94 7.10 18.43 -14.45
CA VAL A 94 8.24 18.46 -15.33
C VAL A 94 7.77 18.75 -16.74
N ILE A 95 6.74 18.03 -17.20
CA ILE A 95 6.20 18.24 -18.52
C ILE A 95 5.69 19.69 -18.77
N SER A 96 5.11 20.31 -17.76
CA SER A 96 4.64 21.67 -17.89
C SER A 96 5.77 22.69 -18.17
N THR A 97 7.02 22.25 -18.10
CA THR A 97 8.17 23.13 -18.42
C THR A 97 8.63 22.94 -19.88
N TYR A 98 7.99 22.04 -20.62
CA TYR A 98 8.33 21.76 -22.00
C TYR A 98 7.28 22.31 -23.00
N VAL A 99 6.06 21.85 -22.82
CA VAL A 99 4.96 22.18 -23.69
C VAL A 99 4.12 23.38 -23.28
N ASP A 100 3.13 23.69 -24.10
CA ASP A 100 2.25 24.82 -23.84
C ASP A 100 0.91 24.33 -23.39
N ALA A 101 0.60 23.09 -23.65
CA ALA A 101 -0.68 22.57 -23.26
C ALA A 101 -0.55 21.08 -23.09
N ILE A 102 -1.43 20.47 -22.30
CA ILE A 102 -1.35 19.04 -22.10
C ILE A 102 -2.68 18.37 -22.27
N VAL A 103 -2.74 17.37 -23.13
CA VAL A 103 -3.94 16.58 -23.32
C VAL A 103 -3.50 15.30 -22.63
N MET A 104 -4.36 14.72 -21.80
CA MET A 104 -3.95 13.50 -21.13
C MET A 104 -5.12 12.59 -20.85
N ARG A 105 -4.83 11.29 -20.81
CA ARG A 105 -5.82 10.27 -20.53
C ARG A 105 -5.23 9.45 -19.40
N HIS A 106 -6.01 9.19 -18.36
CA HIS A 106 -5.47 8.44 -17.24
C HIS A 106 -6.49 7.40 -16.75
N PRO A 107 -6.04 6.28 -16.11
CA PRO A 107 -6.97 5.26 -15.62
C PRO A 107 -7.66 5.66 -14.31
N GLN A 108 -7.12 6.63 -13.61
CA GLN A 108 -7.76 7.01 -12.35
C GLN A 108 -8.55 8.31 -12.36
N GLU A 109 -9.70 8.30 -11.69
CA GLU A 109 -10.54 9.48 -11.64
C GLU A 109 -9.79 10.58 -10.93
N GLY A 110 -10.04 11.82 -11.33
CA GLY A 110 -9.33 12.96 -10.72
C GLY A 110 -7.90 13.23 -11.18
N ALA A 111 -7.37 12.43 -12.10
CA ALA A 111 -6.02 12.61 -12.59
C ALA A 111 -5.85 13.98 -13.25
N ALA A 112 -6.66 14.22 -14.27
CA ALA A 112 -6.59 15.50 -14.97
C ALA A 112 -6.72 16.69 -13.98
N ARG A 113 -7.57 16.54 -12.95
CA ARG A 113 -7.78 17.60 -11.95
C ARG A 113 -6.50 17.86 -11.16
N LEU A 114 -5.95 16.80 -10.61
CA LEU A 114 -4.73 16.91 -9.85
C LEU A 114 -3.66 17.58 -10.70
N ALA A 115 -3.55 17.16 -11.95
CA ALA A 115 -2.56 17.69 -12.88
C ALA A 115 -2.63 19.20 -12.92
N THR A 116 -3.87 19.68 -13.00
CA THR A 116 -4.14 21.08 -13.00
C THR A 116 -3.35 21.75 -11.88
N GLU A 117 -3.31 21.13 -10.70
CA GLU A 117 -2.59 21.70 -9.55
C GLU A 117 -1.10 21.74 -9.65
N PHE A 118 -0.50 21.05 -10.62
CA PHE A 118 0.97 21.06 -10.73
C PHE A 118 1.47 21.59 -12.06
N SER A 119 0.60 22.19 -12.89
CA SER A 119 1.00 22.71 -14.21
C SER A 119 1.19 24.21 -14.32
N GLY A 120 1.09 24.95 -13.23
CA GLY A 120 1.24 26.38 -13.34
C GLY A 120 0.31 26.98 -14.39
N ASN A 121 0.86 27.58 -15.41
CA ASN A 121 -0.02 28.17 -16.38
C ASN A 121 -0.52 27.21 -17.45
N VAL A 122 0.20 26.11 -17.67
CA VAL A 122 -0.14 25.17 -18.72
C VAL A 122 -1.52 24.50 -18.64
N PRO A 123 -2.39 24.85 -19.57
CA PRO A 123 -3.73 24.29 -19.60
C PRO A 123 -3.70 22.81 -19.93
N VAL A 124 -4.42 22.04 -19.11
CA VAL A 124 -4.55 20.58 -19.28
C VAL A 124 -5.97 20.28 -19.76
N LEU A 125 -6.07 19.37 -20.70
CA LEU A 125 -7.35 18.99 -21.27
C LEU A 125 -7.52 17.51 -21.01
N ASN A 126 -8.63 17.20 -20.38
CA ASN A 126 -8.99 15.86 -20.02
C ASN A 126 -9.51 15.11 -21.25
N ALA A 127 -8.82 14.04 -21.61
CA ALA A 127 -9.19 13.17 -22.72
C ALA A 127 -9.76 11.83 -22.16
N GLY A 128 -10.05 11.83 -20.84
CA GLY A 128 -10.57 10.67 -20.12
C GLY A 128 -9.86 10.38 -18.79
N ASP A 129 -10.61 10.18 -17.71
CA ASP A 129 -9.98 9.92 -16.43
C ASP A 129 -10.83 8.91 -15.66
N GLY A 130 -10.45 7.64 -15.71
CA GLY A 130 -11.25 6.62 -15.05
C GLY A 130 -12.68 6.65 -15.58
N SER A 131 -13.63 6.34 -14.70
CA SER A 131 -15.05 6.32 -15.03
C SER A 131 -15.67 7.66 -14.64
N ASN A 132 -14.86 8.72 -14.65
CA ASN A 132 -15.35 10.04 -14.26
C ASN A 132 -15.77 10.96 -15.40
N GLN A 133 -14.80 11.61 -16.07
CA GLN A 133 -15.08 12.51 -17.16
C GLN A 133 -14.35 12.24 -18.50
N HIS A 134 -15.02 12.57 -19.58
CA HIS A 134 -14.50 12.44 -20.92
C HIS A 134 -15.25 13.52 -21.74
N PRO A 135 -15.13 14.80 -21.31
CA PRO A 135 -15.72 16.03 -21.85
C PRO A 135 -15.69 16.28 -23.36
N THR A 136 -14.61 15.83 -24.01
CA THR A 136 -14.40 16.00 -25.45
C THR A 136 -15.33 15.13 -26.29
N GLN A 137 -15.64 13.95 -25.73
CA GLN A 137 -16.55 13.05 -26.40
C GLN A 137 -17.89 13.75 -26.39
N THR A 138 -18.19 14.43 -25.31
CA THR A 138 -19.48 15.08 -25.29
C THR A 138 -19.56 16.30 -26.13
N LEU A 139 -18.51 17.11 -26.17
CA LEU A 139 -18.54 18.29 -27.00
C LEU A 139 -18.80 17.83 -28.43
N LEU A 140 -18.32 16.64 -28.75
CA LEU A 140 -18.55 16.11 -30.08
C LEU A 140 -19.94 15.48 -30.36
N ASP A 141 -20.60 14.95 -29.33
CA ASP A 141 -21.94 14.36 -29.50
C ASP A 141 -22.91 15.52 -29.73
N LEU A 142 -22.73 16.58 -28.97
CA LEU A 142 -23.57 17.76 -29.04
C LEU A 142 -23.48 18.45 -30.38
N PHE A 143 -22.26 18.58 -30.91
CA PHE A 143 -22.02 19.18 -32.21
C PHE A 143 -22.79 18.36 -33.20
N THR A 144 -22.68 17.03 -33.10
CA THR A 144 -23.40 16.16 -34.01
C THR A 144 -24.91 16.32 -33.90
N ILE A 145 -25.40 16.41 -32.67
CA ILE A 145 -26.82 16.54 -32.44
C ILE A 145 -27.37 17.86 -32.94
N GLN A 146 -26.58 18.91 -32.81
CA GLN A 146 -26.94 20.26 -33.27
C GLN A 146 -26.89 20.35 -34.80
N GLN A 147 -25.82 19.81 -35.36
CA GLN A 147 -25.61 19.81 -36.79
C GLN A 147 -26.78 19.11 -37.51
N THR A 148 -27.18 17.95 -36.99
CA THR A 148 -28.28 17.15 -37.52
C THR A 148 -29.70 17.60 -37.14
N GLU A 149 -29.93 17.98 -35.88
CA GLU A 149 -31.29 18.42 -35.48
C GLU A 149 -31.46 19.93 -35.64
N GLY A 150 -30.36 20.67 -35.59
CA GLY A 150 -30.41 22.11 -35.69
C GLY A 150 -30.64 22.78 -34.34
N ARG A 151 -30.62 22.02 -33.25
CA ARG A 151 -30.84 22.61 -31.92
C ARG A 151 -30.52 21.68 -30.79
N LEU A 152 -30.24 22.25 -29.63
CA LEU A 152 -29.96 21.49 -28.41
C LEU A 152 -31.06 21.57 -27.35
N ASP A 153 -32.23 22.12 -27.71
CA ASP A 153 -33.36 22.22 -26.79
C ASP A 153 -34.52 21.62 -27.49
N ASN A 154 -35.38 20.96 -26.75
CA ASN A 154 -36.58 20.36 -27.26
C ASN A 154 -36.40 19.10 -28.07
N LEU A 155 -35.42 18.30 -27.69
CA LEU A 155 -35.15 17.05 -28.38
C LEU A 155 -35.76 15.88 -27.64
N HIS A 156 -36.07 14.82 -28.39
CA HIS A 156 -36.59 13.57 -27.83
C HIS A 156 -35.39 12.67 -27.94
N VAL A 157 -34.53 12.71 -26.92
CA VAL A 157 -33.31 11.92 -26.94
C VAL A 157 -33.39 10.58 -26.21
N ALA A 158 -33.18 9.50 -26.94
CA ALA A 158 -33.19 8.16 -26.36
C ALA A 158 -31.79 7.63 -26.12
N MET A 159 -31.52 7.07 -24.96
CA MET A 159 -30.19 6.51 -24.68
C MET A 159 -30.29 5.03 -24.37
N VAL A 160 -29.61 4.22 -25.16
CA VAL A 160 -29.63 2.78 -25.01
C VAL A 160 -28.29 2.18 -24.58
N GLY A 161 -28.36 0.99 -23.97
CA GLY A 161 -27.18 0.25 -23.54
C GLY A 161 -26.83 0.14 -22.08
N ASP A 162 -25.54 0.15 -21.81
CA ASP A 162 -25.04 0.09 -20.46
C ASP A 162 -25.17 1.53 -19.91
N LEU A 163 -26.37 1.88 -19.48
CA LEU A 163 -26.62 3.20 -18.94
C LEU A 163 -26.17 3.32 -17.50
N LYS A 164 -25.71 2.24 -16.91
CA LYS A 164 -25.26 2.35 -15.53
C LYS A 164 -23.75 2.61 -15.44
N TYR A 165 -22.99 2.14 -16.41
CA TYR A 165 -21.55 2.35 -16.36
C TYR A 165 -21.07 3.23 -17.50
N GLY A 166 -21.93 3.37 -18.51
CA GLY A 166 -21.61 4.21 -19.64
C GLY A 166 -21.22 5.61 -19.26
N ARG A 167 -19.92 5.83 -19.13
CA ARG A 167 -19.34 7.13 -18.79
C ARG A 167 -19.86 8.24 -19.73
N THR A 168 -20.09 7.88 -20.99
CA THR A 168 -20.59 8.81 -22.00
C THR A 168 -22.07 9.23 -21.84
N VAL A 169 -23.00 8.30 -21.57
CA VAL A 169 -24.43 8.64 -21.42
C VAL A 169 -24.68 9.51 -20.19
N HIS A 170 -23.80 9.40 -19.19
CA HIS A 170 -23.95 10.21 -18.00
C HIS A 170 -23.59 11.62 -18.41
N SER A 171 -22.46 11.79 -19.09
CA SER A 171 -22.06 13.13 -19.47
C SER A 171 -23.02 13.79 -20.47
N LEU A 172 -23.59 12.99 -21.36
CA LEU A 172 -24.48 13.56 -22.35
C LEU A 172 -25.78 14.04 -21.76
N THR A 173 -26.23 13.38 -20.72
CA THR A 173 -27.46 13.75 -20.07
C THR A 173 -27.25 15.08 -19.33
N GLN A 174 -26.19 15.16 -18.54
CA GLN A 174 -25.88 16.39 -17.80
C GLN A 174 -25.87 17.62 -18.71
N ALA A 175 -25.06 17.59 -19.77
CA ALA A 175 -24.99 18.69 -20.74
C ALA A 175 -26.35 18.97 -21.36
N LEU A 176 -27.01 17.94 -21.85
CA LEU A 176 -28.28 18.16 -22.50
C LEU A 176 -29.29 18.74 -21.54
N ALA A 177 -29.08 18.51 -20.25
CA ALA A 177 -29.99 19.04 -19.23
C ALA A 177 -29.57 20.48 -18.81
N LYS A 178 -28.76 21.12 -19.62
CA LYS A 178 -28.38 22.49 -19.38
C LYS A 178 -29.32 23.30 -20.31
N PHE A 179 -29.83 22.64 -21.34
CA PHE A 179 -30.75 23.30 -22.28
C PHE A 179 -32.23 23.09 -21.94
N ASP A 180 -33.10 23.58 -22.82
CA ASP A 180 -34.52 23.51 -22.56
C ASP A 180 -35.46 22.51 -23.23
N GLY A 181 -36.30 21.89 -22.39
CA GLY A 181 -37.32 20.99 -22.85
C GLY A 181 -36.89 19.69 -23.47
N ASN A 182 -35.79 19.16 -23.00
CA ASN A 182 -35.35 17.87 -23.53
C ASN A 182 -36.03 16.75 -22.73
N ARG A 183 -36.55 15.77 -23.45
CA ARG A 183 -37.24 14.61 -22.87
C ARG A 183 -36.28 13.45 -23.13
N PHE A 184 -36.12 12.59 -22.13
CA PHE A 184 -35.21 11.44 -22.22
C PHE A 184 -35.89 10.08 -22.05
N TYR A 185 -35.41 9.12 -22.84
CA TYR A 185 -35.94 7.77 -22.80
C TYR A 185 -34.79 6.87 -22.45
N PHE A 186 -34.97 6.08 -21.40
CA PHE A 186 -33.94 5.19 -20.87
C PHE A 186 -34.12 3.66 -21.04
N ILE A 187 -33.96 3.17 -22.28
CA ILE A 187 -34.06 1.74 -22.57
C ILE A 187 -32.77 1.05 -22.16
N ALA A 188 -32.80 0.27 -21.08
CA ALA A 188 -31.60 -0.41 -20.62
C ALA A 188 -31.89 -1.65 -19.83
N PRO A 189 -30.94 -2.56 -19.81
CA PRO A 189 -31.18 -3.77 -19.05
C PRO A 189 -31.42 -3.40 -17.57
N ASP A 190 -32.20 -4.23 -16.87
CA ASP A 190 -32.52 -3.99 -15.47
C ASP A 190 -31.24 -3.96 -14.61
N ALA A 191 -30.34 -4.89 -14.88
CA ALA A 191 -29.10 -4.91 -14.13
C ALA A 191 -28.22 -3.68 -14.42
N LEU A 192 -28.54 -2.94 -15.50
CA LEU A 192 -27.76 -1.78 -15.95
C LEU A 192 -28.56 -0.48 -16.13
N ALA A 193 -29.41 -0.14 -15.17
CA ALA A 193 -30.23 1.06 -15.29
C ALA A 193 -29.47 2.32 -14.91
N MET A 194 -29.90 3.45 -15.46
CA MET A 194 -29.28 4.75 -15.24
C MET A 194 -29.13 4.99 -13.76
N PRO A 195 -27.98 5.50 -13.36
CA PRO A 195 -27.81 5.75 -11.92
C PRO A 195 -28.93 6.68 -11.39
N GLU A 196 -29.17 6.59 -10.09
CA GLU A 196 -30.18 7.42 -9.46
C GLU A 196 -29.76 8.88 -9.33
N TYR A 197 -28.46 9.12 -9.10
CA TYR A 197 -27.92 10.48 -8.94
C TYR A 197 -28.13 11.37 -10.16
N ILE A 198 -28.37 10.72 -11.29
CA ILE A 198 -28.60 11.44 -12.52
C ILE A 198 -30.08 11.65 -12.65
N LEU A 199 -30.85 10.63 -12.23
CA LEU A 199 -32.29 10.74 -12.26
C LEU A 199 -32.74 11.85 -11.34
N ASP A 200 -32.28 11.83 -10.10
CA ASP A 200 -32.65 12.88 -9.16
C ASP A 200 -32.30 14.24 -9.78
N MET A 201 -31.08 14.36 -10.29
CA MET A 201 -30.60 15.60 -10.93
C MET A 201 -31.63 16.15 -11.92
N LEU A 202 -32.20 15.26 -12.71
CA LEU A 202 -33.15 15.65 -13.70
C LEU A 202 -34.47 16.14 -13.10
N ASP A 203 -35.02 15.35 -12.19
CA ASP A 203 -36.28 15.71 -11.53
C ASP A 203 -36.25 17.11 -10.95
N GLU A 204 -35.14 17.47 -10.32
CA GLU A 204 -34.99 18.81 -9.74
C GLU A 204 -35.18 19.85 -10.85
N LYS A 205 -34.62 19.55 -12.02
CA LYS A 205 -34.73 20.46 -13.14
C LYS A 205 -36.13 20.40 -13.69
N GLY A 206 -36.82 19.31 -13.39
CA GLY A 206 -38.16 19.15 -13.90
C GLY A 206 -38.06 18.68 -15.35
N ILE A 207 -37.15 17.75 -15.62
CA ILE A 207 -36.98 17.24 -16.99
C ILE A 207 -37.69 15.92 -17.18
N ALA A 208 -38.36 15.79 -18.31
CA ALA A 208 -39.10 14.57 -18.64
C ALA A 208 -38.22 13.36 -18.97
N TRP A 209 -38.47 12.25 -18.29
CA TRP A 209 -37.71 11.02 -18.52
C TRP A 209 -38.52 9.77 -18.19
N SER A 210 -38.22 8.69 -18.88
CA SER A 210 -38.92 7.44 -18.67
C SER A 210 -38.07 6.28 -19.20
N LEU A 211 -38.14 5.16 -18.50
CA LEU A 211 -37.39 3.97 -18.87
C LEU A 211 -38.25 3.12 -19.78
N HIS A 212 -37.59 2.51 -20.76
CA HIS A 212 -38.26 1.64 -21.70
C HIS A 212 -37.52 0.29 -21.69
N SER A 213 -38.25 -0.78 -21.92
CA SER A 213 -37.67 -2.11 -21.94
C SER A 213 -37.16 -2.49 -23.32
N SER A 214 -37.67 -1.82 -24.34
CA SER A 214 -37.26 -2.13 -25.69
C SER A 214 -37.23 -0.86 -26.51
N ILE A 215 -36.47 -0.87 -27.58
CA ILE A 215 -36.35 0.29 -28.44
C ILE A 215 -37.60 0.57 -29.31
N GLU A 216 -38.24 -0.48 -29.82
CA GLU A 216 -39.43 -0.34 -30.67
C GLU A 216 -40.49 0.54 -30.04
N GLU A 217 -40.48 0.61 -28.73
CA GLU A 217 -41.44 1.40 -27.96
C GLU A 217 -41.36 2.89 -28.26
N VAL A 218 -40.13 3.41 -28.26
CA VAL A 218 -39.92 4.84 -28.46
C VAL A 218 -39.41 5.20 -29.86
N MET A 219 -39.32 4.19 -30.69
CA MET A 219 -38.83 4.34 -32.04
C MET A 219 -39.39 5.55 -32.73
N ALA A 220 -40.66 5.48 -33.10
CA ALA A 220 -41.30 6.58 -33.81
C ALA A 220 -41.39 7.88 -33.01
N GLU A 221 -40.65 8.02 -31.93
CA GLU A 221 -40.71 9.26 -31.16
C GLU A 221 -39.41 10.04 -31.10
N VAL A 222 -38.32 9.29 -31.10
CA VAL A 222 -37.02 9.83 -30.96
C VAL A 222 -36.39 10.54 -32.13
N ASP A 223 -35.68 11.60 -31.78
CA ASP A 223 -34.93 12.41 -32.71
C ASP A 223 -33.53 11.88 -32.71
N ILE A 224 -33.01 11.58 -31.52
CA ILE A 224 -31.67 11.03 -31.39
C ILE A 224 -31.71 9.66 -30.71
N LEU A 225 -30.98 8.71 -31.27
CA LEU A 225 -30.89 7.38 -30.67
C LEU A 225 -29.42 7.27 -30.34
N TYR A 226 -29.11 7.23 -29.05
CA TYR A 226 -27.74 7.15 -28.58
C TYR A 226 -27.53 5.79 -28.01
N MET A 227 -26.78 4.96 -28.71
CA MET A 227 -26.51 3.60 -28.28
C MET A 227 -25.15 3.52 -27.68
N THR A 228 -24.97 2.62 -26.73
CA THR A 228 -23.68 2.45 -26.10
C THR A 228 -23.38 0.95 -26.06
N ARG A 229 -22.10 0.63 -26.21
CA ARG A 229 -21.57 -0.74 -26.16
C ARG A 229 -21.84 -1.39 -24.79
N VAL A 230 -22.51 -2.54 -24.79
CA VAL A 230 -22.81 -3.27 -23.56
C VAL A 230 -21.63 -4.21 -23.23
N GLN A 231 -20.74 -3.80 -22.32
CA GLN A 231 -19.58 -4.66 -21.99
C GLN A 231 -19.98 -6.03 -21.44
N LYS A 232 -19.68 -7.07 -22.22
CA LYS A 232 -20.00 -8.45 -21.85
C LYS A 232 -19.50 -8.81 -20.46
N GLU A 233 -18.29 -8.34 -20.13
CA GLU A 233 -17.67 -8.62 -18.82
C GLU A 233 -18.52 -8.19 -17.64
N ARG A 234 -19.24 -7.10 -17.83
CA ARG A 234 -20.12 -6.56 -16.80
C ARG A 234 -21.17 -7.59 -16.37
N LEU A 235 -21.40 -8.53 -17.27
CA LEU A 235 -22.41 -9.54 -17.06
C LEU A 235 -21.89 -10.96 -17.21
N ASP A 236 -22.79 -11.92 -16.98
CA ASP A 236 -22.50 -13.35 -17.09
C ASP A 236 -22.89 -13.76 -18.51
N PRO A 237 -22.05 -14.55 -19.20
CA PRO A 237 -22.31 -14.99 -20.58
C PRO A 237 -23.73 -15.51 -20.93
N SER A 238 -24.37 -16.06 -19.93
CA SER A 238 -25.69 -16.61 -20.08
C SER A 238 -26.64 -15.43 -19.91
N GLU A 239 -26.41 -14.65 -18.86
CA GLU A 239 -27.19 -13.44 -18.53
C GLU A 239 -27.16 -12.43 -19.71
N TYR A 240 -25.93 -12.15 -20.15
CA TYR A 240 -25.64 -11.28 -21.26
C TYR A 240 -26.49 -11.67 -22.44
N ALA A 241 -26.24 -12.87 -22.97
CA ALA A 241 -26.96 -13.41 -24.12
C ALA A 241 -28.47 -13.51 -23.94
N ASN A 242 -28.90 -13.52 -22.70
CA ASN A 242 -30.32 -13.58 -22.33
C ASN A 242 -30.86 -12.19 -22.63
N VAL A 243 -30.10 -11.22 -22.13
CA VAL A 243 -30.43 -9.80 -22.24
C VAL A 243 -30.38 -9.34 -23.69
N LYS A 244 -29.17 -9.33 -24.21
CA LYS A 244 -28.83 -8.93 -25.57
C LYS A 244 -30.01 -8.62 -26.47
N ALA A 245 -30.66 -9.66 -26.96
CA ALA A 245 -31.79 -9.57 -27.87
C ALA A 245 -32.64 -8.31 -27.81
N GLN A 246 -32.96 -7.84 -26.60
CA GLN A 246 -33.80 -6.64 -26.44
C GLN A 246 -33.07 -5.32 -26.63
N PHE A 247 -31.79 -5.36 -26.99
CA PHE A 247 -31.02 -4.13 -27.11
C PHE A 247 -30.07 -3.90 -28.31
N VAL A 248 -30.08 -4.78 -29.31
CA VAL A 248 -29.27 -4.56 -30.49
C VAL A 248 -30.17 -3.89 -31.51
N LEU A 249 -29.60 -3.17 -32.46
CA LEU A 249 -30.36 -2.46 -33.48
C LEU A 249 -30.14 -3.01 -34.88
N ARG A 250 -31.23 -3.22 -35.58
CA ARG A 250 -31.17 -3.70 -36.95
C ARG A 250 -31.81 -2.60 -37.75
N ALA A 251 -31.66 -2.69 -39.07
CA ALA A 251 -32.25 -1.70 -39.96
C ALA A 251 -33.77 -1.75 -39.87
N SER A 252 -34.35 -2.94 -39.96
CA SER A 252 -35.82 -3.13 -39.91
C SER A 252 -36.54 -2.44 -38.75
N ASP A 253 -35.87 -2.34 -37.61
CA ASP A 253 -36.42 -1.71 -36.42
C ASP A 253 -36.60 -0.20 -36.64
N LEU A 254 -35.85 0.31 -37.62
CA LEU A 254 -35.81 1.72 -38.01
C LEU A 254 -36.89 2.16 -39.01
N HIS A 255 -37.68 1.25 -39.53
CA HIS A 255 -38.72 1.62 -40.53
C HIS A 255 -39.76 2.55 -39.94
N ASN A 256 -39.84 2.45 -38.64
CA ASN A 256 -40.77 3.19 -37.83
C ASN A 256 -40.26 4.61 -37.50
N ALA A 257 -38.93 4.78 -37.60
CA ALA A 257 -38.23 6.02 -37.27
C ALA A 257 -38.61 7.23 -38.05
N LYS A 258 -38.46 8.39 -37.41
CA LYS A 258 -38.76 9.66 -38.08
C LYS A 258 -37.75 9.89 -39.20
N ALA A 259 -37.94 10.96 -39.97
CA ALA A 259 -37.07 11.27 -41.09
C ALA A 259 -35.70 11.81 -40.72
N ASN A 260 -35.63 12.49 -39.59
CA ASN A 260 -34.40 13.12 -39.09
C ASN A 260 -33.71 12.43 -37.93
N MET A 261 -34.16 11.24 -37.55
CA MET A 261 -33.52 10.53 -36.42
C MET A 261 -32.18 9.94 -36.78
N LYS A 262 -31.15 10.38 -36.06
CA LYS A 262 -29.80 9.88 -36.28
C LYS A 262 -29.39 8.94 -35.14
N VAL A 263 -28.81 7.79 -35.50
CA VAL A 263 -28.29 6.83 -34.52
C VAL A 263 -26.83 7.23 -34.24
N LEU A 264 -26.50 7.45 -32.99
CA LEU A 264 -25.14 7.85 -32.60
C LEU A 264 -24.56 6.77 -31.69
N HIS A 265 -23.25 6.69 -31.61
CA HIS A 265 -22.62 5.69 -30.78
C HIS A 265 -21.17 6.09 -30.65
N PRO A 266 -20.68 6.32 -29.41
CA PRO A 266 -19.28 6.73 -29.19
C PRO A 266 -18.20 5.88 -29.92
N LEU A 267 -18.49 4.60 -30.10
CA LEU A 267 -17.59 3.64 -30.74
C LEU A 267 -16.50 3.20 -29.78
N PRO A 268 -16.09 1.91 -29.87
CA PRO A 268 -16.53 0.87 -30.80
C PRO A 268 -17.87 0.24 -30.55
N ARG A 269 -18.48 -0.19 -31.65
CA ARG A 269 -19.76 -0.88 -31.65
C ARG A 269 -19.30 -2.20 -32.21
N VAL A 270 -20.18 -3.20 -32.27
CA VAL A 270 -19.74 -4.48 -32.76
C VAL A 270 -20.89 -5.43 -32.89
N ASP A 271 -21.61 -5.58 -31.79
CA ASP A 271 -22.74 -6.47 -31.68
C ASP A 271 -24.00 -5.61 -31.63
N GLU A 272 -23.94 -4.52 -30.88
CA GLU A 272 -25.08 -3.62 -30.70
C GLU A 272 -25.70 -2.95 -31.94
N ILE A 273 -24.91 -2.66 -32.95
CA ILE A 273 -25.45 -2.01 -34.16
C ILE A 273 -25.05 -2.86 -35.35
N ALA A 274 -26.04 -3.44 -36.01
CA ALA A 274 -25.75 -4.29 -37.16
C ALA A 274 -25.29 -3.46 -38.37
N THR A 275 -24.37 -4.03 -39.15
CA THR A 275 -23.85 -3.33 -40.29
C THR A 275 -24.91 -3.00 -41.32
N ASP A 276 -26.11 -3.56 -41.21
CA ASP A 276 -27.12 -3.18 -42.20
C ASP A 276 -27.54 -1.78 -41.94
N VAL A 277 -27.52 -1.37 -40.67
CA VAL A 277 -27.89 -0.01 -40.34
C VAL A 277 -26.87 0.93 -41.00
N ASP A 278 -25.67 0.41 -41.21
CA ASP A 278 -24.60 1.20 -41.80
C ASP A 278 -25.03 1.96 -43.05
N LYS A 279 -25.93 1.35 -43.80
CA LYS A 279 -26.35 1.90 -45.05
C LYS A 279 -27.62 2.74 -45.07
N THR A 280 -28.21 3.01 -43.91
CA THR A 280 -29.45 3.80 -43.91
C THR A 280 -29.17 5.24 -43.59
N PRO A 281 -30.00 6.14 -44.10
CA PRO A 281 -29.80 7.56 -43.83
C PRO A 281 -29.61 7.93 -42.36
N HIS A 282 -30.07 7.07 -41.47
CA HIS A 282 -30.01 7.31 -40.05
C HIS A 282 -28.66 7.09 -39.39
N ALA A 283 -27.80 6.32 -40.07
CA ALA A 283 -26.48 5.99 -39.53
C ALA A 283 -25.67 7.26 -39.31
N TRP A 284 -25.19 7.53 -38.09
CA TRP A 284 -24.40 8.75 -37.96
C TRP A 284 -23.15 8.64 -37.09
N TYR A 285 -22.82 7.42 -36.64
CA TYR A 285 -21.63 7.18 -35.79
C TYR A 285 -20.36 7.62 -36.49
N PHE A 286 -20.11 7.07 -37.68
CA PHE A 286 -18.93 7.40 -38.45
C PHE A 286 -18.83 8.90 -38.74
N GLN A 287 -19.93 9.53 -39.14
CA GLN A 287 -19.90 10.97 -39.40
C GLN A 287 -19.56 11.62 -38.08
N GLN A 288 -20.16 11.11 -37.01
CA GLN A 288 -19.98 11.59 -35.64
C GLN A 288 -18.52 11.55 -35.23
N ALA A 289 -17.80 10.53 -35.69
CA ALA A 289 -16.40 10.38 -35.35
C ALA A 289 -15.57 11.48 -36.00
N GLY A 290 -15.89 11.79 -37.24
CA GLY A 290 -15.25 12.87 -37.98
C GLY A 290 -15.50 14.23 -37.34
N ASN A 291 -16.64 14.44 -36.67
CA ASN A 291 -16.91 15.72 -36.02
C ASN A 291 -16.05 15.93 -34.79
N GLY A 292 -15.39 14.86 -34.40
CA GLY A 292 -14.53 14.94 -33.25
C GLY A 292 -13.37 15.83 -33.56
N ILE A 293 -12.91 15.82 -34.81
CA ILE A 293 -11.79 16.66 -35.15
C ILE A 293 -12.15 18.11 -34.97
N PHE A 294 -13.34 18.48 -35.43
CA PHE A 294 -13.75 19.89 -35.33
C PHE A 294 -14.04 20.31 -33.91
N ALA A 295 -14.61 19.38 -33.15
CA ALA A 295 -14.89 19.68 -31.77
C ALA A 295 -13.60 19.87 -31.00
N ARG A 296 -12.59 19.03 -31.26
CA ARG A 296 -11.32 19.13 -30.53
C ARG A 296 -10.45 20.30 -30.96
N GLN A 297 -10.50 20.62 -32.24
CA GLN A 297 -9.77 21.72 -32.80
C GLN A 297 -10.28 23.03 -32.15
N ALA A 298 -11.61 23.18 -32.10
CA ALA A 298 -12.21 24.38 -31.53
C ALA A 298 -11.81 24.53 -30.08
N LEU A 299 -11.65 23.41 -29.43
CA LEU A 299 -11.27 23.43 -28.02
C LEU A 299 -9.85 23.95 -27.84
N LEU A 300 -8.91 23.47 -28.67
CA LEU A 300 -7.53 23.94 -28.55
C LEU A 300 -7.43 25.38 -29.00
N ALA A 301 -8.10 25.73 -30.09
CA ALA A 301 -8.06 27.08 -30.60
C ALA A 301 -8.44 28.07 -29.52
N LEU A 302 -9.59 27.85 -28.89
CA LEU A 302 -10.04 28.75 -27.85
C LEU A 302 -9.09 28.86 -26.65
N VAL A 303 -8.64 27.71 -26.15
CA VAL A 303 -7.76 27.64 -25.00
C VAL A 303 -6.40 28.31 -25.29
N LEU A 304 -5.87 28.01 -26.45
CA LEU A 304 -4.59 28.51 -26.85
C LEU A 304 -4.53 29.85 -27.43
N ASN A 305 -5.59 30.28 -28.09
CA ASN A 305 -5.57 31.59 -28.69
C ASN A 305 -6.42 32.59 -27.96
N ARG A 306 -5.77 33.70 -27.61
CA ARG A 306 -6.40 34.81 -26.87
C ARG A 306 -7.79 35.18 -27.42
N ASP A 307 -7.83 35.70 -28.63
CA ASP A 307 -9.07 36.09 -29.28
C ASP A 307 -9.21 35.27 -30.53
N LEU A 308 -10.42 34.82 -30.82
CA LEU A 308 -10.65 33.97 -31.99
C LEU A 308 -11.27 34.66 -33.19
N VAL A 309 -10.47 34.80 -34.25
CA VAL A 309 -10.91 35.44 -35.50
C VAL A 309 -11.73 34.46 -36.37
N LEU A 310 -13.03 34.65 -36.30
CA LEU A 310 -14.00 33.83 -37.02
C LEU A 310 -14.88 34.75 -37.90
N MET B 1 -15.39 27.41 31.31
CA MET B 1 -16.15 28.04 32.40
C MET B 1 -15.38 27.85 33.72
N THR B 2 -16.04 27.30 34.73
CA THR B 2 -15.40 27.10 36.04
C THR B 2 -15.69 25.70 36.62
N HIS B 3 -14.66 24.88 36.58
CA HIS B 3 -14.72 23.51 37.10
C HIS B 3 -14.30 23.49 38.57
N ASP B 4 -15.15 22.85 39.35
CA ASP B 4 -14.98 22.72 40.79
C ASP B 4 -15.89 21.64 41.36
N ASN B 5 -15.32 20.56 41.78
CA ASN B 5 -16.05 19.50 42.50
C ASN B 5 -16.08 19.94 43.95
N LYS B 6 -14.87 20.16 44.39
CA LYS B 6 -14.53 20.69 45.69
C LYS B 6 -13.07 21.14 45.61
N LEU B 7 -12.44 20.64 44.54
CA LEU B 7 -11.01 20.82 44.31
C LEU B 7 -10.66 21.72 43.11
N GLN B 8 -9.82 22.64 43.45
CA GLN B 8 -9.16 23.71 42.70
C GLN B 8 -8.72 23.21 41.30
N VAL B 9 -9.35 23.82 40.27
CA VAL B 9 -9.12 23.49 38.84
C VAL B 9 -8.87 24.74 37.98
N GLU B 10 -8.10 24.49 36.92
CA GLU B 10 -7.62 25.50 35.98
C GLU B 10 -8.64 25.91 34.93
N ALA B 11 -8.42 27.14 34.53
CA ALA B 11 -9.15 27.87 33.50
C ALA B 11 -8.18 28.89 32.92
N ILE B 12 -7.75 28.60 31.72
CA ILE B 12 -6.79 29.44 30.98
C ILE B 12 -7.16 30.93 31.16
N LYS B 13 -6.05 31.56 30.92
CA LYS B 13 -6.05 33.04 30.97
C LYS B 13 -6.84 33.64 29.81
N ARG B 14 -6.25 33.53 28.63
CA ARG B 14 -6.85 34.00 27.40
C ARG B 14 -6.65 32.83 26.43
N GLY B 15 -7.69 32.48 25.70
CA GLY B 15 -7.58 31.40 24.76
C GLY B 15 -8.94 30.83 24.46
N THR B 16 -8.96 29.66 23.83
CA THR B 16 -10.20 29.05 23.48
C THR B 16 -10.52 27.79 24.30
N VAL B 17 -11.81 27.55 24.47
CA VAL B 17 -12.33 26.42 25.22
C VAL B 17 -13.37 25.66 24.38
N ILE B 18 -13.00 24.49 23.85
CA ILE B 18 -13.97 23.74 23.09
C ILE B 18 -14.64 22.85 24.12
N ASP B 19 -15.77 23.29 24.62
CA ASP B 19 -16.47 22.55 25.62
C ASP B 19 -17.68 21.85 24.97
N HIS B 20 -18.17 20.81 25.63
CA HIS B 20 -19.30 20.01 25.21
C HIS B 20 -19.06 19.10 24.01
N ILE B 21 -17.90 18.44 24.00
CA ILE B 21 -17.57 17.49 22.93
C ILE B 21 -18.08 16.15 23.45
N PRO B 22 -18.76 15.35 22.60
CA PRO B 22 -19.24 14.06 23.08
C PRO B 22 -18.09 13.13 23.39
N ALA B 23 -18.36 12.19 24.30
CA ALA B 23 -17.37 11.22 24.72
C ALA B 23 -16.75 10.58 23.51
N GLN B 24 -15.47 10.24 23.65
CA GLN B 24 -14.66 9.62 22.61
C GLN B 24 -14.40 10.43 21.35
N ILE B 25 -15.11 11.54 21.13
CA ILE B 25 -14.84 12.37 19.94
C ILE B 25 -13.72 13.35 20.22
N GLY B 26 -13.54 13.66 21.51
CA GLY B 26 -12.49 14.59 21.90
C GLY B 26 -11.13 14.30 21.28
N PHE B 27 -10.50 13.21 21.70
CA PHE B 27 -9.19 12.86 21.21
C PHE B 27 -9.07 12.80 19.69
N LYS B 28 -10.12 12.31 19.02
CA LYS B 28 -10.08 12.26 17.57
C LYS B 28 -9.80 13.66 17.08
N LEU B 29 -10.58 14.63 17.55
CA LEU B 29 -10.38 16.04 17.17
C LEU B 29 -8.92 16.45 17.43
N LEU B 30 -8.39 16.14 18.60
CA LEU B 30 -7.00 16.46 18.87
C LEU B 30 -6.08 15.86 17.79
N SER B 31 -6.38 14.63 17.35
CA SER B 31 -5.57 13.92 16.32
C SER B 31 -5.76 14.51 14.95
N LEU B 32 -7.00 14.39 14.45
CA LEU B 32 -7.47 14.89 13.17
C LEU B 32 -6.94 16.25 12.76
N PHE B 33 -7.27 17.23 13.58
CA PHE B 33 -6.90 18.59 13.30
C PHE B 33 -5.50 18.91 13.81
N LYS B 34 -4.83 17.91 14.38
CA LYS B 34 -3.49 18.14 14.89
C LYS B 34 -3.42 19.35 15.82
N LEU B 35 -4.33 19.41 16.79
CA LEU B 35 -4.40 20.53 17.70
C LEU B 35 -3.26 20.62 18.70
N THR B 36 -2.70 19.47 19.07
CA THR B 36 -1.62 19.36 20.06
C THR B 36 -0.22 19.81 19.62
N GLU B 37 -0.08 20.10 18.34
CA GLU B 37 1.18 20.51 17.75
C GLU B 37 1.74 21.91 18.03
N THR B 38 1.35 22.57 19.13
CA THR B 38 1.91 23.89 19.42
C THR B 38 2.68 23.89 20.74
N ASP B 39 3.26 25.04 21.06
CA ASP B 39 4.02 25.18 22.31
C ASP B 39 3.14 25.72 23.45
N GLN B 40 1.83 25.82 23.18
CA GLN B 40 0.84 26.32 24.13
C GLN B 40 0.40 25.29 25.18
N ARG B 41 -0.05 25.82 26.31
CA ARG B 41 -0.51 25.03 27.44
C ARG B 41 -1.92 24.51 27.19
N ILE B 42 -2.03 23.28 26.69
CA ILE B 42 -3.35 22.69 26.43
C ILE B 42 -3.76 21.82 27.61
N THR B 43 -4.99 21.96 28.05
CA THR B 43 -5.48 21.12 29.15
C THR B 43 -6.66 20.39 28.62
N ILE B 44 -6.64 19.05 28.70
CA ILE B 44 -7.74 18.25 28.20
C ILE B 44 -8.46 17.55 29.34
N GLY B 45 -9.79 17.51 29.29
CA GLY B 45 -10.59 16.84 30.29
C GLY B 45 -11.42 15.82 29.55
N LEU B 46 -11.05 14.55 29.68
CA LEU B 46 -11.79 13.49 29.01
C LEU B 46 -12.73 12.72 29.92
N ASN B 47 -13.88 12.33 29.38
CA ASN B 47 -14.87 11.55 30.11
C ASN B 47 -15.32 12.23 31.38
N LEU B 48 -15.67 13.49 31.23
CA LEU B 48 -16.12 14.33 32.33
C LEU B 48 -17.64 14.20 32.57
N PRO B 49 -18.08 14.31 33.83
CA PRO B 49 -19.50 14.22 34.19
C PRO B 49 -20.32 15.39 33.63
N SER B 50 -20.82 15.21 32.40
CA SER B 50 -21.66 16.21 31.74
C SER B 50 -23.09 16.04 32.28
N GLY B 51 -23.29 15.02 33.12
CA GLY B 51 -24.57 14.74 33.77
C GLY B 51 -25.82 14.81 32.93
N GLU B 52 -26.23 16.04 32.60
CA GLU B 52 -27.40 16.30 31.74
C GLU B 52 -27.08 15.61 30.41
N MET B 53 -25.82 15.70 30.01
CA MET B 53 -25.33 15.08 28.80
C MET B 53 -24.31 13.98 29.18
N GLY B 54 -24.58 13.34 30.32
CA GLY B 54 -23.74 12.25 30.79
C GLY B 54 -22.26 12.52 30.90
N ARG B 55 -21.50 12.10 29.88
CA ARG B 55 -20.04 12.25 29.84
C ARG B 55 -19.59 13.01 28.56
N LYS B 56 -18.75 14.00 28.77
CA LYS B 56 -18.26 14.81 27.67
C LYS B 56 -16.75 14.93 27.71
N ASP B 57 -16.20 15.48 26.64
CA ASP B 57 -14.78 15.72 26.53
C ASP B 57 -14.64 17.25 26.58
N LEU B 58 -13.41 17.72 26.76
CA LEU B 58 -13.18 19.14 26.88
C LEU B 58 -11.73 19.54 26.63
N ILE B 59 -11.57 20.57 25.81
CA ILE B 59 -10.26 21.07 25.48
C ILE B 59 -10.17 22.56 25.76
N LYS B 60 -8.97 22.98 26.16
CA LYS B 60 -8.70 24.36 26.46
C LYS B 60 -7.33 24.64 25.88
N ILE B 61 -7.29 25.49 24.87
CA ILE B 61 -6.04 25.84 24.20
C ILE B 61 -5.70 27.29 24.53
N GLU B 62 -4.83 27.46 25.52
CA GLU B 62 -4.42 28.78 25.99
C GLU B 62 -3.59 29.59 24.97
N ASN B 63 -3.97 30.86 24.81
CA ASN B 63 -3.34 31.81 23.88
C ASN B 63 -3.53 31.38 22.44
N THR B 64 -4.66 30.77 22.13
CA THR B 64 -4.96 30.34 20.76
C THR B 64 -6.47 30.43 20.45
N PHE B 65 -6.83 31.33 19.53
CA PHE B 65 -8.22 31.48 19.15
C PHE B 65 -8.43 30.79 17.78
N LEU B 66 -9.65 30.29 17.55
CA LEU B 66 -10.01 29.60 16.30
C LEU B 66 -10.93 30.45 15.40
N SER B 67 -10.52 30.60 14.14
CA SER B 67 -11.34 31.35 13.20
C SER B 67 -12.63 30.54 13.08
N GLU B 68 -13.75 31.24 12.95
CA GLU B 68 -15.07 30.63 12.78
C GLU B 68 -15.04 29.53 11.75
N ASP B 69 -14.15 29.64 10.77
CA ASP B 69 -14.03 28.61 9.74
C ASP B 69 -13.50 27.33 10.38
N GLN B 70 -12.50 27.49 11.22
CA GLN B 70 -11.92 26.35 11.93
C GLN B 70 -12.96 25.73 12.89
N VAL B 71 -13.88 26.55 13.36
CA VAL B 71 -14.92 26.10 14.26
C VAL B 71 -15.92 25.23 13.53
N ASP B 72 -16.15 25.55 12.27
CA ASP B 72 -17.12 24.83 11.45
C ASP B 72 -16.65 23.43 11.08
N GLN B 73 -15.34 23.25 11.07
CA GLN B 73 -14.78 21.97 10.72
C GLN B 73 -15.17 20.92 11.75
N LEU B 74 -15.63 21.35 12.90
CA LEU B 74 -16.02 20.39 13.93
C LEU B 74 -17.38 19.74 13.70
N ALA B 75 -18.27 20.42 12.98
CA ALA B 75 -19.62 19.95 12.72
C ALA B 75 -19.81 18.42 12.59
N LEU B 76 -19.29 17.78 11.54
CA LEU B 76 -19.47 16.31 11.37
C LEU B 76 -19.17 15.46 12.61
N TYR B 77 -18.20 15.91 13.39
CA TYR B 77 -17.75 15.19 14.58
C TYR B 77 -18.40 15.62 15.88
N ALA B 78 -18.51 16.93 16.10
CA ALA B 78 -19.09 17.48 17.33
C ALA B 78 -19.87 18.77 17.01
N PRO B 79 -21.12 18.63 16.56
CA PRO B 79 -22.00 19.76 16.21
C PRO B 79 -22.61 20.48 17.38
N GLN B 80 -22.87 19.74 18.46
CA GLN B 80 -23.45 20.34 19.66
C GLN B 80 -22.39 21.04 20.48
N ALA B 81 -21.14 20.85 20.08
CA ALA B 81 -19.99 21.46 20.72
C ALA B 81 -20.14 22.98 20.74
N ALA B 82 -19.69 23.60 21.83
CA ALA B 82 -19.72 25.04 21.93
C ALA B 82 -18.27 25.47 22.05
N VAL B 83 -17.91 26.45 21.23
CA VAL B 83 -16.57 26.98 21.22
C VAL B 83 -16.62 28.32 21.92
N ASN B 84 -15.87 28.45 23.01
CA ASN B 84 -15.81 29.69 23.80
C ASN B 84 -14.48 30.44 23.67
N ARG B 85 -14.55 31.73 23.35
CA ARG B 85 -13.37 32.62 23.24
C ARG B 85 -13.17 33.22 24.61
N ILE B 86 -12.04 32.97 25.24
CA ILE B 86 -11.82 33.52 26.57
C ILE B 86 -10.76 34.60 26.65
N ASP B 87 -11.13 35.68 27.32
CA ASP B 87 -10.19 36.76 27.52
C ASP B 87 -10.41 37.28 28.92
N ASN B 88 -9.28 37.61 29.57
CA ASN B 88 -9.32 38.14 30.92
C ASN B 88 -10.13 37.17 31.80
N TYR B 89 -9.83 35.87 31.72
CA TYR B 89 -10.54 34.87 32.55
C TYR B 89 -12.08 34.91 32.40
N GLU B 90 -12.54 35.36 31.23
CA GLU B 90 -13.99 35.46 30.95
C GLU B 90 -14.39 35.20 29.50
N VAL B 91 -15.57 34.64 29.34
CA VAL B 91 -16.06 34.31 28.01
C VAL B 91 -16.48 35.57 27.25
N VAL B 92 -15.61 35.99 26.34
CA VAL B 92 -15.89 37.16 25.54
C VAL B 92 -16.69 36.73 24.28
N GLY B 93 -16.51 35.48 23.85
CA GLY B 93 -17.24 34.99 22.67
C GLY B 93 -17.75 33.54 22.75
N LYS B 94 -18.96 33.26 22.29
CA LYS B 94 -19.50 31.89 22.36
C LYS B 94 -20.08 31.37 21.02
N SER B 95 -19.23 30.74 20.18
CA SER B 95 -19.65 30.22 18.88
C SER B 95 -20.20 28.80 18.89
N ARG B 96 -20.83 28.43 17.80
CA ARG B 96 -21.37 27.10 17.70
C ARG B 96 -21.10 26.61 16.30
N PRO B 97 -20.59 25.39 16.18
CA PRO B 97 -20.27 24.71 14.92
C PRO B 97 -21.40 24.79 13.90
N SER B 98 -21.04 25.01 12.64
CA SER B 98 -22.04 25.13 11.60
C SER B 98 -21.57 24.41 10.33
N LEU B 99 -22.49 23.74 9.63
CA LEU B 99 -22.15 23.00 8.42
C LEU B 99 -21.34 23.79 7.41
N PRO B 100 -20.07 23.40 7.26
CA PRO B 100 -19.21 24.09 6.30
C PRO B 100 -19.68 23.73 4.89
N GLU B 101 -18.95 24.19 3.89
CA GLU B 101 -19.28 23.87 2.51
C GLU B 101 -18.21 22.94 1.97
N ARG B 102 -17.02 23.01 2.58
CA ARG B 102 -15.88 22.25 2.13
C ARG B 102 -15.13 21.77 3.37
N ILE B 103 -14.72 20.49 3.40
CA ILE B 103 -13.98 19.96 4.53
C ILE B 103 -12.64 19.40 4.06
N ASP B 104 -11.59 20.17 4.30
CA ASP B 104 -10.27 19.77 3.84
C ASP B 104 -9.44 18.80 4.63
N ASN B 105 -8.54 18.17 3.89
CA ASN B 105 -7.55 17.15 4.31
C ASN B 105 -7.72 16.46 5.64
N VAL B 106 -8.91 15.97 5.91
CA VAL B 106 -9.15 15.29 7.16
C VAL B 106 -9.86 13.97 6.88
N LEU B 107 -10.61 13.93 5.77
CA LEU B 107 -11.38 12.74 5.34
C LEU B 107 -10.60 11.92 4.28
N VAL B 108 -10.95 10.65 4.09
CA VAL B 108 -10.29 9.82 3.06
C VAL B 108 -11.30 9.32 2.03
N CYS B 109 -11.01 9.57 0.76
CA CYS B 109 -11.92 9.16 -0.31
C CYS B 109 -12.13 7.65 -0.40
N PRO B 110 -13.37 7.21 -0.11
CA PRO B 110 -13.68 5.78 -0.16
C PRO B 110 -13.46 5.19 -1.56
N ASN B 111 -13.43 6.05 -2.56
CA ASN B 111 -13.23 5.58 -3.94
C ASN B 111 -11.78 5.15 -4.02
N SER B 112 -11.55 3.85 -4.11
CA SER B 112 -10.20 3.30 -4.11
C SER B 112 -9.38 3.57 -5.34
N ASN B 113 -10.05 3.88 -6.43
CA ASN B 113 -9.36 4.16 -7.69
C ASN B 113 -9.21 5.67 -7.85
N CYS B 114 -9.39 6.41 -6.75
CA CYS B 114 -9.31 7.87 -6.74
C CYS B 114 -7.85 8.32 -6.68
N ILE B 115 -7.45 9.11 -7.66
CA ILE B 115 -6.06 9.58 -7.74
C ILE B 115 -5.59 10.19 -6.43
N SER B 116 -6.52 10.68 -5.64
CA SER B 116 -6.19 11.34 -4.40
C SER B 116 -5.32 10.52 -3.49
N HIS B 117 -5.44 9.21 -3.61
CA HIS B 117 -4.72 8.29 -2.73
C HIS B 117 -3.23 8.23 -2.70
N ALA B 118 -2.63 8.19 -3.87
CA ALA B 118 -1.19 8.13 -3.90
C ALA B 118 -0.55 9.51 -3.76
N GLU B 119 -0.93 10.40 -4.68
CA GLU B 119 -0.36 11.72 -4.77
C GLU B 119 -0.39 12.62 -3.54
N PRO B 120 0.46 13.69 -3.56
CA PRO B 120 0.62 14.69 -2.50
C PRO B 120 -0.48 15.73 -2.54
N VAL B 121 -1.70 15.32 -2.27
CA VAL B 121 -2.77 16.30 -2.28
C VAL B 121 -3.55 16.18 -0.99
N SER B 122 -4.21 17.28 -0.64
CA SER B 122 -5.04 17.27 0.55
C SER B 122 -6.42 16.89 0.05
N SER B 123 -7.13 16.12 0.86
CA SER B 123 -8.46 15.70 0.50
C SER B 123 -9.28 16.97 0.52
N SER B 124 -10.36 16.96 -0.21
CA SER B 124 -11.22 18.09 -0.17
C SER B 124 -12.53 17.59 -0.71
N PHE B 125 -13.57 17.67 0.13
CA PHE B 125 -14.93 17.24 -0.22
C PHE B 125 -15.97 18.38 -0.09
N ALA B 126 -16.82 18.56 -1.10
CA ALA B 126 -17.88 19.56 -1.03
C ALA B 126 -19.06 18.99 -0.27
N VAL B 127 -19.45 19.66 0.80
CA VAL B 127 -20.58 19.21 1.61
C VAL B 127 -21.87 19.67 0.96
N ARG B 128 -22.92 19.01 1.07
CA ARG B 128 -24.27 19.21 0.53
C ARG B 128 -25.29 18.45 1.37
N LYS B 129 -26.23 19.21 1.91
CA LYS B 129 -27.27 18.64 2.78
C LYS B 129 -28.50 18.21 1.99
N ARG B 130 -29.16 17.25 2.59
CA ARG B 130 -30.34 16.62 2.04
C ARG B 130 -31.20 16.05 3.19
N ALA B 131 -32.37 16.62 3.40
CA ALA B 131 -33.26 16.12 4.47
C ALA B 131 -32.41 15.80 5.69
N ASN B 132 -31.34 16.56 5.76
CA ASN B 132 -30.39 16.54 6.86
C ASN B 132 -29.39 15.36 6.79
N ASP B 133 -29.32 14.71 5.65
CA ASP B 133 -28.32 13.64 5.47
C ASP B 133 -27.24 14.27 4.60
N ILE B 134 -26.02 14.22 5.10
CA ILE B 134 -24.90 14.87 4.45
C ILE B 134 -24.16 13.95 3.49
N ALA B 135 -24.32 14.33 2.24
CA ALA B 135 -23.58 13.74 1.15
C ALA B 135 -22.31 14.56 1.04
N LEU B 136 -21.19 13.90 0.76
CA LEU B 136 -19.86 14.58 0.62
C LEU B 136 -19.29 14.20 -0.73
N LYS B 137 -18.85 15.20 -1.50
CA LYS B 137 -18.30 15.02 -2.87
C LYS B 137 -16.80 15.29 -3.06
N CYS B 138 -16.06 14.22 -3.38
CA CYS B 138 -14.61 14.32 -3.60
C CYS B 138 -14.29 15.20 -4.78
N LYS B 139 -13.40 16.15 -4.52
CA LYS B 139 -12.93 17.13 -5.46
C LYS B 139 -12.28 16.53 -6.69
N TYR B 140 -11.67 15.37 -6.49
CA TYR B 140 -10.90 14.74 -7.55
C TYR B 140 -11.65 13.78 -8.42
N CYS B 141 -12.05 12.63 -7.87
CA CYS B 141 -12.80 11.67 -8.64
C CYS B 141 -14.22 12.16 -8.91
N GLU B 142 -14.61 13.26 -8.27
CA GLU B 142 -15.96 13.88 -8.42
C GLU B 142 -17.15 13.03 -8.01
N LYS B 143 -16.90 11.92 -7.31
CA LYS B 143 -17.94 11.01 -6.85
C LYS B 143 -18.57 11.51 -5.56
N GLU B 144 -19.82 11.14 -5.31
CA GLU B 144 -20.48 11.58 -4.09
C GLU B 144 -20.79 10.36 -3.21
N PHE B 145 -20.46 10.48 -1.93
CA PHE B 145 -20.67 9.42 -0.98
C PHE B 145 -21.47 9.98 0.18
N SER B 146 -21.92 9.09 1.05
CA SER B 146 -22.64 9.53 2.22
C SER B 146 -21.56 9.69 3.25
N HIS B 147 -21.74 10.68 4.12
CA HIS B 147 -20.76 10.94 5.15
C HIS B 147 -20.57 9.72 6.03
N ASN B 148 -21.59 8.87 6.16
CA ASN B 148 -21.44 7.65 6.96
C ASN B 148 -20.31 6.81 6.38
N VAL B 149 -20.30 6.68 5.06
CA VAL B 149 -19.29 5.91 4.36
C VAL B 149 -17.89 6.52 4.48
N VAL B 150 -17.78 7.82 4.25
CA VAL B 150 -16.49 8.48 4.31
C VAL B 150 -15.92 8.49 5.72
N LEU B 151 -16.74 8.90 6.69
CA LEU B 151 -16.31 8.98 8.08
C LEU B 151 -15.84 7.68 8.66
N ALA B 152 -16.27 6.58 8.06
CA ALA B 152 -15.87 5.24 8.48
C ALA B 152 -14.36 5.06 8.23
N ASN B 153 -13.75 6.02 7.52
CA ASN B 153 -12.32 6.00 7.18
C ASN B 153 -11.60 7.36 7.30
N ALA C 1 9.95 -39.13 24.30
CA ALA C 1 9.97 -38.09 23.23
C ALA C 1 11.33 -37.44 23.05
N ASN C 2 11.79 -37.38 21.81
CA ASN C 2 13.06 -36.74 21.50
C ASN C 2 12.82 -35.22 21.56
N PRO C 3 13.88 -34.45 21.75
CA PRO C 3 13.73 -32.99 21.82
C PRO C 3 13.08 -32.30 20.63
N LEU C 4 13.35 -32.77 19.42
CA LEU C 4 12.80 -32.15 18.22
C LEU C 4 11.36 -32.49 17.85
N TYR C 5 10.76 -33.42 18.60
CA TYR C 5 9.40 -33.86 18.34
C TYR C 5 8.43 -32.66 18.30
N GLN C 6 7.56 -32.67 17.30
CA GLN C 6 6.58 -31.62 17.08
C GLN C 6 7.10 -30.18 17.11
N LYS C 7 8.36 -29.95 16.78
CA LYS C 7 8.88 -28.60 16.81
C LYS C 7 9.02 -27.96 15.42
N HIS C 8 8.96 -26.64 15.35
CA HIS C 8 9.08 -25.95 14.08
C HIS C 8 10.59 -25.70 13.77
N ILE C 9 11.06 -26.04 12.58
CA ILE C 9 12.46 -25.77 12.29
C ILE C 9 12.44 -24.49 11.48
N ILE C 10 12.61 -23.36 12.16
CA ILE C 10 12.53 -22.07 11.51
C ILE C 10 13.87 -21.41 11.28
N SER C 11 14.63 -21.24 12.33
CA SER C 11 15.92 -20.62 12.24
C SER C 11 17.01 -21.48 12.85
N ILE C 12 18.22 -21.32 12.34
CA ILE C 12 19.32 -22.08 12.86
C ILE C 12 19.58 -21.50 14.23
N ASN C 13 19.34 -20.21 14.34
CA ASN C 13 19.59 -19.57 15.60
C ASN C 13 18.91 -20.25 16.71
N ASP C 14 17.69 -20.72 16.43
CA ASP C 14 16.84 -21.47 17.37
C ASP C 14 17.36 -22.89 17.74
N LEU C 15 18.30 -23.43 17.00
CA LEU C 15 18.78 -24.77 17.33
C LEU C 15 20.04 -24.77 18.20
N SER C 16 20.07 -25.68 19.16
CA SER C 16 21.22 -25.77 20.05
C SER C 16 22.32 -26.69 19.49
N ARG C 17 23.45 -26.74 20.15
CA ARG C 17 24.54 -27.60 19.70
C ARG C 17 24.05 -29.07 19.81
N ASP C 18 23.29 -29.33 20.87
CA ASP C 18 22.78 -30.68 21.08
C ASP C 18 21.86 -31.03 19.95
N ASP C 19 20.97 -30.08 19.68
CA ASP C 19 19.99 -30.19 18.63
C ASP C 19 20.78 -30.55 17.40
N LEU C 20 21.71 -29.69 16.99
CA LEU C 20 22.52 -29.96 15.81
C LEU C 20 23.02 -31.36 15.77
N ASN C 21 23.62 -31.78 16.87
CA ASN C 21 24.12 -33.12 16.94
C ASN C 21 23.07 -34.19 16.78
N LEU C 22 21.95 -34.04 17.46
CA LEU C 22 20.86 -35.02 17.35
C LEU C 22 20.50 -35.23 15.86
N VAL C 23 20.29 -34.15 15.12
CA VAL C 23 19.96 -34.22 13.68
C VAL C 23 21.01 -34.92 12.80
N LEU C 24 22.29 -34.54 12.95
CA LEU C 24 23.37 -35.16 12.16
C LEU C 24 23.66 -36.60 12.58
N ALA C 25 23.37 -36.91 13.83
CA ALA C 25 23.56 -38.23 14.38
C ALA C 25 22.50 -39.17 13.77
N THR C 26 21.26 -38.69 13.72
CA THR C 26 20.14 -39.43 13.10
C THR C 26 20.45 -39.59 11.63
N ALA C 27 20.84 -38.49 10.97
CA ALA C 27 21.17 -38.45 9.55
C ALA C 27 22.09 -39.56 9.10
N ALA C 28 23.12 -39.79 9.88
CA ALA C 28 24.07 -40.83 9.56
C ALA C 28 23.44 -42.21 9.65
N LYS C 29 22.59 -42.44 10.65
CA LYS C 29 21.92 -43.76 10.76
C LYS C 29 20.99 -43.94 9.57
N LEU C 30 20.20 -42.93 9.20
CA LEU C 30 19.33 -43.12 8.06
C LEU C 30 20.14 -43.36 6.82
N LYS C 31 21.34 -42.85 6.79
CA LYS C 31 22.20 -43.02 5.63
C LYS C 31 22.80 -44.43 5.69
N ALA C 32 22.92 -44.95 6.89
CA ALA C 32 23.47 -46.29 7.10
C ALA C 32 22.40 -47.36 6.90
N ASN C 33 21.23 -47.13 7.53
CA ASN C 33 20.09 -48.03 7.54
C ASN C 33 18.77 -47.27 7.35
N PRO C 34 18.34 -47.17 6.10
CA PRO C 34 17.11 -46.51 5.64
C PRO C 34 15.84 -47.13 6.20
N GLN C 35 14.80 -46.32 6.36
CA GLN C 35 13.50 -46.77 6.87
C GLN C 35 12.48 -46.33 5.87
N PRO C 36 12.25 -47.09 4.79
CA PRO C 36 11.24 -46.65 3.82
C PRO C 36 9.75 -46.65 4.15
N GLU C 37 9.36 -46.89 5.39
CA GLU C 37 7.94 -46.91 5.74
C GLU C 37 7.64 -46.23 7.07
N LEU C 38 8.64 -45.53 7.59
CA LEU C 38 8.54 -44.83 8.84
C LEU C 38 7.45 -43.78 8.80
N LEU C 39 7.47 -42.94 7.77
CA LEU C 39 6.48 -41.87 7.66
C LEU C 39 5.33 -42.23 6.75
N LYS C 40 4.99 -43.52 6.73
CA LYS C 40 3.90 -44.01 5.86
C LYS C 40 2.58 -43.56 6.44
N HIS C 41 1.65 -43.19 5.56
CA HIS C 41 0.34 -42.69 5.93
C HIS C 41 0.41 -41.21 6.25
N LYS C 42 1.57 -40.60 6.10
CA LYS C 42 1.69 -39.19 6.38
C LYS C 42 1.60 -38.43 5.09
N VAL C 43 1.16 -37.18 5.17
CA VAL C 43 0.96 -36.32 4.01
C VAL C 43 1.66 -35.04 4.37
N ILE C 44 2.47 -34.52 3.46
CA ILE C 44 3.21 -33.37 3.81
C ILE C 44 3.05 -32.39 2.71
N ALA C 45 2.86 -31.14 3.09
CA ALA C 45 2.69 -30.09 2.12
C ALA C 45 4.02 -29.50 1.76
N SER C 46 4.35 -29.57 0.48
CA SER C 46 5.56 -29.01 -0.08
C SER C 46 5.04 -27.70 -0.71
N CYS C 47 5.12 -26.62 0.06
CA CYS C 47 4.66 -25.30 -0.33
C CYS C 47 5.73 -24.33 -0.79
N PHE C 48 6.05 -24.36 -2.06
CA PHE C 48 7.05 -23.43 -2.53
C PHE C 48 6.46 -22.14 -3.08
N PHE C 49 6.18 -21.18 -2.20
CA PHE C 49 5.60 -19.93 -2.65
C PHE C 49 6.57 -19.20 -3.53
N GLU C 50 7.84 -19.56 -3.39
CA GLU C 50 8.86 -18.99 -4.23
C GLU C 50 9.51 -20.21 -4.80
N ALA C 51 9.44 -20.36 -6.11
CA ALA C 51 10.01 -21.52 -6.76
C ALA C 51 11.50 -21.69 -6.54
N SER C 52 11.94 -22.88 -6.14
CA SER C 52 13.33 -23.29 -5.92
C SER C 52 13.31 -24.78 -6.23
N THR C 53 13.41 -25.14 -7.52
CA THR C 53 13.40 -26.52 -7.96
C THR C 53 14.37 -27.43 -7.27
N ARG C 54 15.63 -27.01 -7.17
CA ARG C 54 16.67 -27.82 -6.55
C ARG C 54 16.37 -28.13 -5.10
N THR C 55 15.93 -27.13 -4.34
CA THR C 55 15.56 -27.41 -2.95
C THR C 55 14.30 -28.27 -2.85
N ARG C 56 13.31 -28.02 -3.70
CA ARG C 56 12.11 -28.83 -3.71
C ARG C 56 12.35 -30.28 -4.03
N LEU C 57 12.87 -30.61 -5.22
CA LEU C 57 13.13 -32.00 -5.59
C LEU C 57 13.85 -32.77 -4.47
N SER C 58 14.66 -32.04 -3.69
CA SER C 58 15.40 -32.63 -2.59
C SER C 58 14.49 -32.99 -1.45
N PHE C 59 13.85 -31.98 -0.89
CA PHE C 59 12.94 -32.18 0.22
C PHE C 59 11.94 -33.26 -0.08
N GLN C 60 11.40 -33.24 -1.30
CA GLN C 60 10.44 -34.23 -1.78
C GLN C 60 11.01 -35.67 -1.90
N THR C 61 12.24 -35.84 -2.40
CA THR C 61 12.87 -37.15 -2.48
C THR C 61 13.07 -37.59 -1.04
N SER C 62 13.39 -36.64 -0.16
CA SER C 62 13.55 -36.97 1.23
C SER C 62 12.22 -37.52 1.79
N MET C 63 11.13 -36.83 1.51
CA MET C 63 9.79 -37.23 1.97
C MET C 63 9.38 -38.57 1.44
N HIS C 64 9.68 -38.86 0.16
CA HIS C 64 9.31 -40.18 -0.36
C HIS C 64 10.14 -41.31 0.26
N ARG C 65 11.41 -41.03 0.53
CA ARG C 65 12.29 -42.03 1.11
C ARG C 65 11.79 -42.58 2.43
N LEU C 66 10.92 -41.85 3.13
CA LEU C 66 10.40 -42.34 4.42
C LEU C 66 8.96 -42.79 4.26
N GLY C 67 8.51 -42.94 3.03
CA GLY C 67 7.16 -43.41 2.77
C GLY C 67 6.01 -42.44 2.92
N ALA C 68 6.31 -41.14 2.93
CA ALA C 68 5.30 -40.09 3.06
C ALA C 68 4.67 -39.70 1.69
N SER C 69 3.47 -39.12 1.75
CA SER C 69 2.79 -38.65 0.54
C SER C 69 3.11 -37.19 0.44
N VAL C 70 3.20 -36.67 -0.78
CA VAL C 70 3.45 -35.26 -1.00
C VAL C 70 2.42 -34.61 -1.94
N VAL C 71 2.01 -33.41 -1.56
CA VAL C 71 1.07 -32.54 -2.30
C VAL C 71 1.71 -31.21 -2.06
N GLY C 72 1.53 -30.30 -2.97
CA GLY C 72 2.15 -29.01 -2.79
C GLY C 72 2.03 -28.31 -4.09
N PHE C 73 2.75 -27.21 -4.25
CA PHE C 73 2.68 -26.41 -5.46
C PHE C 73 3.92 -25.54 -5.55
N SER C 74 4.18 -24.92 -6.70
CA SER C 74 5.33 -24.04 -6.87
C SER C 74 4.94 -22.68 -7.44
N ASP C 75 5.56 -21.62 -6.94
CA ASP C 75 5.35 -20.21 -7.33
C ASP C 75 3.92 -19.70 -7.29
N SER C 76 3.58 -18.96 -6.22
CA SER C 76 2.25 -18.38 -5.99
C SER C 76 1.61 -17.67 -7.20
N ALA C 77 2.46 -17.08 -8.05
CA ALA C 77 1.99 -16.38 -9.25
C ALA C 77 1.42 -17.42 -10.22
N ASN C 78 2.02 -18.61 -10.22
CA ASN C 78 1.57 -19.73 -11.03
C ASN C 78 0.48 -20.45 -10.22
N THR C 79 0.47 -20.19 -8.90
CA THR C 79 -0.50 -20.77 -7.94
C THR C 79 -1.85 -20.05 -8.16
N SER C 80 -2.70 -20.05 -7.14
CA SER C 80 -3.99 -19.40 -7.23
C SER C 80 -4.14 -18.56 -5.96
N LEU C 81 -3.51 -19.06 -4.90
CA LEU C 81 -3.51 -18.41 -3.58
C LEU C 81 -2.61 -17.14 -3.53
N GLY C 82 -2.89 -16.28 -2.53
CA GLY C 82 -2.13 -15.05 -2.29
C GLY C 82 -1.60 -14.16 -3.40
N LYS C 83 -2.40 -13.96 -4.44
CA LYS C 83 -2.00 -13.13 -5.58
C LYS C 83 -2.53 -11.68 -5.47
N LYS C 84 -3.70 -11.51 -4.87
CA LYS C 84 -4.32 -10.18 -4.73
C LYS C 84 -5.08 -9.97 -3.41
N GLY C 85 -5.70 -11.04 -2.92
CA GLY C 85 -6.47 -10.90 -1.71
C GLY C 85 -6.08 -11.67 -0.45
N GLU C 86 -6.20 -12.99 -0.50
CA GLU C 86 -5.92 -13.84 0.64
C GLU C 86 -4.56 -13.71 1.29
N THR C 87 -4.55 -13.78 2.61
CA THR C 87 -3.33 -13.68 3.34
C THR C 87 -2.68 -15.05 3.49
N LEU C 88 -1.46 -15.03 4.04
CA LEU C 88 -0.72 -16.26 4.29
C LEU C 88 -1.33 -16.93 5.48
N ALA C 89 -1.74 -16.11 6.46
CA ALA C 89 -2.36 -16.61 7.66
C ALA C 89 -3.60 -17.39 7.24
N ASP C 90 -4.44 -16.90 6.35
CA ASP C 90 -5.60 -17.71 5.97
C ASP C 90 -5.16 -18.96 5.25
N THR C 91 -4.22 -18.81 4.33
CA THR C 91 -3.68 -19.95 3.60
C THR C 91 -3.07 -21.04 4.53
N ILE C 92 -2.46 -20.63 5.63
CA ILE C 92 -1.91 -21.62 6.54
C ILE C 92 -2.97 -22.25 7.43
N SER C 93 -3.85 -21.40 7.95
CA SER C 93 -4.92 -21.82 8.81
C SER C 93 -5.67 -22.93 8.08
N VAL C 94 -5.89 -22.76 6.77
CA VAL C 94 -6.59 -23.77 5.97
C VAL C 94 -5.73 -25.01 5.71
N ILE C 95 -4.51 -24.84 5.23
CA ILE C 95 -3.71 -26.02 4.94
C ILE C 95 -3.43 -26.90 6.17
N SER C 96 -3.30 -26.31 7.35
CA SER C 96 -3.06 -27.03 8.61
C SER C 96 -4.19 -27.94 8.99
N THR C 97 -5.21 -27.99 8.16
CA THR C 97 -6.32 -28.86 8.48
C THR C 97 -6.29 -30.06 7.54
N TYR C 98 -5.34 -30.09 6.61
CA TYR C 98 -5.16 -31.19 5.65
C TYR C 98 -4.00 -32.13 5.96
N VAL C 99 -2.82 -31.53 5.93
CA VAL C 99 -1.55 -32.21 6.08
C VAL C 99 -1.04 -32.49 7.48
N ASP C 100 0.12 -33.15 7.58
CA ASP C 100 0.75 -33.53 8.85
C ASP C 100 2.07 -32.76 9.12
N ALA C 101 2.43 -31.84 8.23
CA ALA C 101 3.66 -31.06 8.40
C ALA C 101 3.71 -30.10 7.21
N ILE C 102 4.31 -28.94 7.39
CA ILE C 102 4.35 -27.99 6.28
C ILE C 102 5.76 -27.60 5.92
N VAL C 103 6.12 -27.77 4.66
CA VAL C 103 7.42 -27.34 4.18
C VAL C 103 7.14 -26.11 3.32
N MET C 104 7.92 -25.07 3.45
CA MET C 104 7.60 -23.90 2.69
C MET C 104 8.76 -23.00 2.49
N ARG C 105 8.80 -22.43 1.28
CA ARG C 105 9.81 -21.46 0.85
C ARG C 105 8.99 -20.22 0.50
N HIS C 106 9.48 -19.05 0.85
CA HIS C 106 8.66 -17.88 0.62
C HIS C 106 9.57 -16.71 0.43
N PRO C 107 9.22 -15.84 -0.51
CA PRO C 107 9.99 -14.66 -0.85
C PRO C 107 10.27 -13.60 0.20
N GLN C 108 9.62 -13.66 1.35
CA GLN C 108 9.83 -12.64 2.35
C GLN C 108 10.25 -13.16 3.69
N GLU C 109 11.19 -12.46 4.33
CA GLU C 109 11.68 -12.83 5.65
C GLU C 109 10.60 -12.87 6.75
N GLY C 110 10.68 -13.89 7.60
CA GLY C 110 9.73 -14.07 8.68
C GLY C 110 8.50 -14.82 8.26
N ALA C 111 8.41 -15.18 6.98
CA ALA C 111 7.24 -15.86 6.47
C ALA C 111 6.89 -17.18 7.17
N ALA C 112 7.89 -17.89 7.66
CA ALA C 112 7.69 -19.17 8.35
C ALA C 112 7.45 -18.94 9.82
N ARG C 113 8.04 -17.86 10.35
CA ARG C 113 7.86 -17.57 11.75
C ARG C 113 6.39 -17.29 11.86
N LEU C 114 5.86 -16.51 10.92
CA LEU C 114 4.44 -16.23 10.98
C LEU C 114 3.54 -17.48 10.82
N ALA C 115 3.90 -18.44 9.97
CA ALA C 115 3.09 -19.64 9.80
C ALA C 115 2.93 -20.41 11.07
N THR C 116 4.00 -20.54 11.84
CA THR C 116 3.94 -21.31 13.06
C THR C 116 2.88 -20.80 13.98
N GLU C 117 2.38 -19.61 13.70
CA GLU C 117 1.34 -19.01 14.53
C GLU C 117 -0.07 -19.37 14.10
N PHE C 118 -0.24 -19.92 12.91
CA PHE C 118 -1.58 -20.29 12.43
C PHE C 118 -1.67 -21.73 12.01
N SER C 119 -0.55 -22.45 12.13
CA SER C 119 -0.48 -23.87 11.76
C SER C 119 -1.14 -24.76 12.78
N GLY C 120 -1.38 -24.20 13.94
CA GLY C 120 -2.04 -24.95 14.98
C GLY C 120 -1.06 -25.89 15.64
N ASN C 121 -1.13 -27.15 15.27
CA ASN C 121 -0.25 -28.15 15.87
C ASN C 121 0.60 -28.81 14.80
N VAL C 122 0.41 -28.38 13.56
CA VAL C 122 1.17 -28.97 12.47
C VAL C 122 2.53 -28.30 12.50
N PRO C 123 3.62 -29.10 12.49
CA PRO C 123 4.96 -28.49 12.50
C PRO C 123 5.41 -27.99 11.13
N VAL C 124 5.95 -26.76 11.12
CA VAL C 124 6.43 -26.02 9.94
C VAL C 124 7.94 -26.04 9.75
N LEU C 125 8.41 -26.61 8.64
CA LEU C 125 9.85 -26.65 8.34
C LEU C 125 10.21 -25.60 7.27
N ASN C 126 11.15 -24.74 7.59
CA ASN C 126 11.54 -23.69 6.71
C ASN C 126 12.55 -24.08 5.65
N ALA C 127 12.12 -23.96 4.40
CA ALA C 127 12.96 -24.25 3.24
C ALA C 127 13.47 -22.94 2.59
N GLY C 128 13.41 -21.84 3.33
CA GLY C 128 13.89 -20.56 2.84
C GLY C 128 12.87 -19.46 3.03
N ASP C 129 13.28 -18.40 3.72
CA ASP C 129 12.39 -17.25 3.91
C ASP C 129 13.15 -15.96 3.66
N GLY C 130 13.16 -15.53 2.41
CA GLY C 130 13.87 -14.32 2.03
C GLY C 130 15.34 -14.33 2.38
N SER C 131 15.86 -13.15 2.61
CA SER C 131 17.25 -13.01 2.99
C SER C 131 17.46 -13.51 4.44
N ASN C 132 16.41 -14.04 5.05
CA ASN C 132 16.52 -14.49 6.42
C ASN C 132 17.21 -15.83 6.67
N GLN C 133 16.47 -16.94 6.71
CA GLN C 133 17.07 -18.25 7.01
C GLN C 133 16.84 -19.32 5.98
N HIS C 134 17.45 -20.49 6.24
CA HIS C 134 17.41 -21.69 5.39
C HIS C 134 17.96 -22.89 6.24
N PRO C 135 17.38 -23.14 7.46
CA PRO C 135 17.84 -24.22 8.35
C PRO C 135 18.45 -25.42 7.65
N THR C 136 17.65 -26.14 6.85
CA THR C 136 18.09 -27.35 6.15
C THR C 136 19.38 -27.29 5.33
N GLN C 137 19.59 -26.24 4.57
CA GLN C 137 20.84 -26.14 3.83
C GLN C 137 22.07 -26.23 4.76
N THR C 138 21.97 -25.67 5.97
CA THR C 138 23.04 -25.64 6.93
C THR C 138 23.25 -26.99 7.59
N LEU C 139 22.17 -27.68 7.91
CA LEU C 139 22.33 -28.97 8.51
C LEU C 139 22.94 -29.87 7.50
N LEU C 140 22.66 -29.65 6.24
CA LEU C 140 23.23 -30.50 5.19
C LEU C 140 24.70 -30.17 5.03
N ASP C 141 25.06 -28.90 5.22
CA ASP C 141 26.46 -28.52 5.12
C ASP C 141 27.22 -29.15 6.28
N LEU C 142 26.74 -28.88 7.49
CA LEU C 142 27.33 -29.40 8.71
C LEU C 142 27.47 -30.92 8.69
N PHE C 143 26.48 -31.61 8.13
CA PHE C 143 26.61 -33.05 8.06
C PHE C 143 27.74 -33.45 7.07
N THR C 144 28.00 -32.64 6.05
CA THR C 144 29.04 -32.98 5.09
C THR C 144 30.41 -32.72 5.68
N ILE C 145 30.52 -31.73 6.54
CA ILE C 145 31.79 -31.38 7.19
C ILE C 145 32.11 -32.44 8.25
N GLN C 146 31.10 -32.79 9.03
CA GLN C 146 31.30 -33.76 10.06
C GLN C 146 31.66 -35.09 9.45
N GLN C 147 30.94 -35.44 8.40
CA GLN C 147 31.16 -36.71 7.72
C GLN C 147 32.53 -36.88 7.07
N THR C 148 33.10 -35.77 6.58
CA THR C 148 34.42 -35.74 5.88
C THR C 148 35.59 -35.43 6.80
N GLU C 149 35.38 -34.52 7.75
CA GLU C 149 36.39 -34.11 8.69
C GLU C 149 36.36 -34.94 9.98
N GLY C 150 35.20 -35.50 10.32
CA GLY C 150 35.05 -36.34 11.50
C GLY C 150 34.73 -35.53 12.75
N ARG C 151 34.63 -34.22 12.56
CA ARG C 151 34.37 -33.37 13.68
C ARG C 151 33.87 -31.96 13.24
N LEU C 152 33.24 -31.21 14.17
CA LEU C 152 32.78 -29.84 13.91
C LEU C 152 33.57 -28.84 14.75
N ASP C 153 34.41 -29.35 15.63
CA ASP C 153 35.25 -28.51 16.48
C ASP C 153 36.62 -28.43 15.80
N ASN C 154 37.43 -27.51 16.30
CA ASN C 154 38.80 -27.33 15.86
C ASN C 154 39.07 -27.51 14.37
N LEU C 155 38.30 -26.76 13.57
CA LEU C 155 38.40 -26.79 12.13
C LEU C 155 39.06 -25.54 11.54
N HIS C 156 39.52 -25.63 10.29
CA HIS C 156 40.11 -24.50 9.56
C HIS C 156 39.21 -24.24 8.35
N VAL C 157 38.27 -23.32 8.53
CA VAL C 157 37.31 -23.01 7.49
C VAL C 157 37.56 -21.72 6.73
N ALA C 158 37.70 -21.80 5.42
CA ALA C 158 37.85 -20.59 4.60
C ALA C 158 36.48 -20.42 3.94
N MET C 159 35.98 -19.19 3.85
CA MET C 159 34.68 -18.95 3.21
C MET C 159 34.93 -17.95 2.12
N VAL C 160 34.44 -18.25 0.93
CA VAL C 160 34.76 -17.40 -0.21
C VAL C 160 33.64 -16.96 -1.14
N GLY C 161 33.76 -15.75 -1.69
CA GLY C 161 32.78 -15.22 -2.63
C GLY C 161 31.99 -14.08 -2.04
N ASP C 162 30.69 -14.07 -2.28
CA ASP C 162 29.85 -13.00 -1.75
C ASP C 162 29.52 -13.26 -0.29
N LEU C 163 30.35 -12.75 0.61
CA LEU C 163 30.10 -12.96 2.04
C LEU C 163 29.05 -11.95 2.59
N LYS C 164 28.72 -10.92 1.85
CA LYS C 164 27.75 -9.94 2.34
C LYS C 164 26.30 -10.38 2.18
N TYR C 165 25.96 -10.87 1.00
CA TYR C 165 24.62 -11.32 0.74
C TYR C 165 24.39 -12.83 0.91
N GLY C 166 25.42 -13.64 0.68
CA GLY C 166 25.26 -15.08 0.88
C GLY C 166 24.65 -15.52 2.23
N ARG C 167 23.31 -15.65 2.27
CA ARG C 167 22.61 -16.07 3.49
C ARG C 167 23.19 -17.39 4.04
N THR C 168 23.68 -18.22 3.14
CA THR C 168 24.28 -19.47 3.52
C THR C 168 25.56 -19.39 4.37
N VAL C 169 26.49 -18.50 4.02
CA VAL C 169 27.69 -18.42 4.83
C VAL C 169 27.39 -17.86 6.19
N HIS C 170 26.55 -16.82 6.23
CA HIS C 170 26.21 -16.24 7.52
C HIS C 170 25.73 -17.36 8.43
N SER C 171 24.74 -18.13 7.99
CA SER C 171 24.19 -19.17 8.80
C SER C 171 25.17 -20.28 9.23
N LEU C 172 26.07 -20.73 8.35
CA LEU C 172 27.08 -21.74 8.70
C LEU C 172 28.10 -21.19 9.72
N THR C 173 28.42 -19.91 9.61
CA THR C 173 29.34 -19.28 10.54
C THR C 173 28.74 -19.20 11.95
N GLN C 174 27.42 -19.19 12.02
CA GLN C 174 26.73 -19.13 13.30
C GLN C 174 26.72 -20.50 13.92
N ALA C 175 26.40 -21.51 13.12
CA ALA C 175 26.34 -22.89 13.56
C ALA C 175 27.76 -23.33 13.95
N LEU C 176 28.74 -23.10 13.09
CA LEU C 176 30.10 -23.50 13.46
C LEU C 176 30.50 -22.70 14.70
N ALA C 177 30.02 -21.47 14.82
CA ALA C 177 30.34 -20.60 15.96
C ALA C 177 29.88 -21.19 17.26
N LYS C 178 29.08 -22.26 17.20
CA LYS C 178 28.56 -22.94 18.39
C LYS C 178 29.50 -24.04 18.87
N PHE C 179 30.42 -24.45 18.00
CA PHE C 179 31.39 -25.49 18.34
C PHE C 179 32.74 -24.84 18.74
N ASP C 180 33.60 -25.62 19.36
CA ASP C 180 34.84 -25.06 19.85
C ASP C 180 36.06 -25.03 18.94
N GLY C 181 36.90 -24.03 19.20
CA GLY C 181 38.15 -23.88 18.50
C GLY C 181 38.17 -23.62 17.02
N ASN C 182 37.04 -23.41 16.38
CA ASN C 182 37.10 -23.14 14.95
C ASN C 182 37.82 -21.82 14.62
N ARG C 183 38.32 -21.71 13.39
CA ARG C 183 39.02 -20.50 12.91
C ARG C 183 38.53 -20.25 11.50
N PHE C 184 38.18 -19.02 11.18
CA PHE C 184 37.68 -18.71 9.83
C PHE C 184 38.58 -17.83 8.95
N TYR C 185 38.57 -18.07 7.64
CA TYR C 185 39.35 -17.23 6.73
C TYR C 185 38.28 -16.64 5.83
N PHE C 186 38.09 -15.32 5.87
CA PHE C 186 37.07 -14.68 5.01
C PHE C 186 37.74 -14.00 3.86
N ILE C 187 37.50 -14.52 2.65
CA ILE C 187 38.11 -13.99 1.44
C ILE C 187 37.00 -13.52 0.56
N ALA C 188 36.95 -12.22 0.38
CA ALA C 188 35.88 -11.66 -0.41
C ALA C 188 36.26 -10.28 -0.92
N PRO C 189 35.68 -9.90 -2.05
CA PRO C 189 36.01 -8.58 -2.57
C PRO C 189 35.42 -7.60 -1.57
N ASP C 190 36.08 -6.46 -1.39
CA ASP C 190 35.59 -5.44 -0.47
C ASP C 190 34.09 -5.09 -0.64
N ALA C 191 33.61 -4.98 -1.87
CA ALA C 191 32.21 -4.65 -2.00
C ALA C 191 31.28 -5.73 -1.42
N LEU C 192 31.81 -6.95 -1.28
CA LEU C 192 31.03 -8.08 -0.81
C LEU C 192 31.57 -8.69 0.48
N ALA C 193 32.16 -7.86 1.34
CA ALA C 193 32.73 -8.32 2.62
C ALA C 193 31.71 -8.80 3.65
N MET C 194 32.19 -9.67 4.55
CA MET C 194 31.35 -10.23 5.61
C MET C 194 30.86 -9.11 6.47
N PRO C 195 29.56 -9.10 6.79
CA PRO C 195 28.93 -8.07 7.62
C PRO C 195 29.59 -7.95 9.01
N GLU C 196 29.46 -6.79 9.64
CA GLU C 196 30.03 -6.53 10.96
C GLU C 196 29.39 -7.34 12.07
N TYR C 197 28.07 -7.51 11.99
CA TYR C 197 27.37 -8.25 13.02
C TYR C 197 27.86 -9.67 13.21
N ILE C 198 28.47 -10.25 12.19
CA ILE C 198 29.00 -11.62 12.32
C ILE C 198 30.35 -11.54 13.02
N LEU C 199 31.18 -10.58 12.58
CA LEU C 199 32.52 -10.39 13.16
C LEU C 199 32.35 -10.07 14.64
N ASP C 200 31.45 -9.14 14.93
CA ASP C 200 31.17 -8.76 16.31
C ASP C 200 30.87 -10.02 17.15
N MET C 201 29.98 -10.88 16.65
CA MET C 201 29.67 -12.11 17.37
C MET C 201 30.88 -13.04 17.42
N LEU C 202 31.64 -13.12 16.34
CA LEU C 202 32.80 -13.98 16.35
C LEU C 202 33.75 -13.47 17.44
N ASP C 203 33.98 -12.15 17.50
CA ASP C 203 34.88 -11.60 18.50
C ASP C 203 34.38 -11.73 19.91
N GLU C 204 33.07 -11.59 20.08
CA GLU C 204 32.49 -11.71 21.41
C GLU C 204 32.59 -13.11 21.99
N LYS C 205 32.64 -14.12 21.13
CA LYS C 205 32.73 -15.47 21.62
C LYS C 205 34.13 -16.02 21.70
N GLY C 206 35.12 -15.21 21.35
CA GLY C 206 36.50 -15.67 21.40
C GLY C 206 37.03 -16.40 20.16
N ILE C 207 36.23 -16.43 19.10
CA ILE C 207 36.61 -17.14 17.86
C ILE C 207 37.53 -16.37 16.88
N ALA C 208 38.65 -17.00 16.52
CA ALA C 208 39.59 -16.39 15.59
C ALA C 208 39.09 -16.32 14.13
N TRP C 209 39.42 -15.23 13.45
CA TRP C 209 39.06 -15.06 12.06
C TRP C 209 40.05 -14.10 11.45
N SER C 210 40.05 -13.99 10.13
CA SER C 210 40.97 -13.09 9.45
C SER C 210 40.72 -12.98 7.95
N LEU C 211 40.64 -11.76 7.47
CA LEU C 211 40.43 -11.50 6.06
C LEU C 211 41.70 -11.86 5.31
N HIS C 212 41.56 -12.27 4.05
CA HIS C 212 42.70 -12.64 3.22
C HIS C 212 42.38 -12.25 1.82
N SER C 213 43.42 -11.96 1.05
CA SER C 213 43.27 -11.47 -0.31
C SER C 213 43.12 -12.52 -1.42
N SER C 214 43.53 -13.75 -1.11
CA SER C 214 43.44 -14.82 -2.08
C SER C 214 43.58 -16.11 -1.33
N ILE C 215 42.88 -17.12 -1.83
CA ILE C 215 42.88 -18.47 -1.28
C ILE C 215 44.30 -18.98 -1.04
N GLU C 216 45.18 -18.70 -2.00
CA GLU C 216 46.58 -19.10 -1.97
C GLU C 216 47.24 -18.98 -0.60
N GLU C 217 46.99 -17.87 0.09
CA GLU C 217 47.56 -17.60 1.42
C GLU C 217 47.09 -18.61 2.47
N VAL C 218 45.87 -19.07 2.29
CA VAL C 218 45.24 -19.98 3.22
C VAL C 218 45.18 -21.46 2.76
N MET C 219 45.32 -21.74 1.46
CA MET C 219 45.19 -23.11 0.96
C MET C 219 45.75 -24.25 1.74
N ALA C 220 46.87 -24.02 2.40
CA ALA C 220 47.51 -25.07 3.12
C ALA C 220 47.08 -25.37 4.57
N GLU C 221 46.28 -24.50 5.19
CA GLU C 221 45.90 -24.76 6.58
C GLU C 221 44.49 -25.21 6.62
N VAL C 222 43.71 -24.61 5.73
CA VAL C 222 42.30 -24.84 5.59
C VAL C 222 41.90 -26.30 5.35
N ASP C 223 40.83 -26.70 6.03
CA ASP C 223 40.25 -28.04 5.96
C ASP C 223 39.01 -28.09 5.06
N ILE C 224 38.25 -27.00 5.12
CA ILE C 224 37.00 -26.85 4.38
C ILE C 224 36.99 -25.51 3.61
N LEU C 225 36.77 -25.57 2.30
CA LEU C 225 36.72 -24.32 1.50
C LEU C 225 35.29 -24.11 1.07
N TYR C 226 34.57 -23.28 1.80
CA TYR C 226 33.16 -23.04 1.50
C TYR C 226 33.07 -21.98 0.45
N MET C 227 32.73 -22.34 -0.78
CA MET C 227 32.63 -21.31 -1.80
C MET C 227 31.22 -20.88 -2.10
N THR C 228 31.09 -19.64 -2.56
CA THR C 228 29.78 -19.09 -2.90
C THR C 228 29.83 -18.38 -4.24
N ARG C 229 28.67 -18.06 -4.78
CA ARG C 229 28.61 -17.44 -6.08
C ARG C 229 28.35 -15.98 -6.02
N VAL C 230 29.32 -15.23 -6.49
CA VAL C 230 29.19 -13.81 -6.56
C VAL C 230 28.37 -13.66 -7.83
N GLN C 231 27.14 -13.16 -7.70
CA GLN C 231 26.27 -12.95 -8.86
C GLN C 231 26.71 -11.66 -9.51
N LYS C 232 27.00 -11.70 -10.80
CA LYS C 232 27.44 -10.49 -11.50
C LYS C 232 26.39 -9.38 -11.40
N GLU C 233 25.15 -9.75 -11.08
CA GLU C 233 24.03 -8.80 -10.96
C GLU C 233 24.06 -8.05 -9.64
N ARG C 234 24.87 -8.54 -8.71
CA ARG C 234 25.03 -7.89 -7.43
C ARG C 234 26.12 -6.84 -7.64
N LEU C 235 26.48 -6.61 -8.90
CA LEU C 235 27.51 -5.63 -9.20
C LEU C 235 27.34 -4.98 -10.57
N ASP C 236 28.39 -4.26 -10.95
CA ASP C 236 28.48 -3.58 -12.21
C ASP C 236 29.35 -4.50 -13.08
N PRO C 237 28.86 -4.88 -14.26
CA PRO C 237 29.59 -5.76 -15.19
C PRO C 237 31.10 -5.52 -15.24
N SER C 238 31.50 -4.26 -15.37
CA SER C 238 32.92 -3.89 -15.44
C SER C 238 33.61 -4.24 -14.14
N GLU C 239 32.98 -3.83 -13.03
CA GLU C 239 33.48 -4.06 -11.68
C GLU C 239 33.64 -5.56 -11.41
N TYR C 240 32.62 -6.32 -11.77
CA TYR C 240 32.62 -7.76 -11.59
C TYR C 240 33.80 -8.41 -12.28
N ALA C 241 34.01 -8.06 -13.54
CA ALA C 241 35.10 -8.61 -14.35
C ALA C 241 36.50 -8.31 -13.83
N ASN C 242 36.65 -7.29 -13.00
CA ASN C 242 37.96 -6.95 -12.49
C ASN C 242 38.35 -7.84 -11.31
N VAL C 243 37.38 -8.08 -10.44
CA VAL C 243 37.61 -8.91 -9.26
C VAL C 243 37.36 -10.40 -9.50
N LYS C 244 36.74 -10.72 -10.64
CA LYS C 244 36.42 -12.09 -11.00
C LYS C 244 37.57 -13.05 -10.76
N ALA C 245 38.64 -12.85 -11.54
CA ALA C 245 39.84 -13.68 -11.48
C ALA C 245 40.50 -13.87 -10.10
N GLN C 246 39.99 -13.21 -9.06
CA GLN C 246 40.58 -13.34 -7.73
C GLN C 246 39.83 -14.35 -6.86
N PHE C 247 38.64 -14.75 -7.30
CA PHE C 247 37.84 -15.67 -6.52
C PHE C 247 37.15 -16.64 -7.48
N VAL C 248 37.98 -17.48 -8.07
CA VAL C 248 37.57 -18.49 -9.03
C VAL C 248 38.62 -19.57 -8.77
N LEU C 249 38.20 -20.82 -8.64
CA LEU C 249 39.11 -21.93 -8.31
C LEU C 249 39.41 -22.94 -9.42
N ARG C 250 40.69 -23.05 -9.74
CA ARG C 250 41.21 -23.96 -10.77
C ARG C 250 41.82 -25.13 -10.01
N ALA C 251 41.80 -26.31 -10.62
CA ALA C 251 42.34 -27.50 -9.96
C ALA C 251 43.83 -27.32 -9.61
N SER C 252 44.51 -26.41 -10.30
CA SER C 252 45.92 -26.17 -10.06
C SER C 252 46.11 -25.61 -8.65
N ASP C 253 45.25 -24.65 -8.30
CA ASP C 253 45.31 -23.99 -7.00
C ASP C 253 45.32 -25.01 -5.91
N LEU C 254 44.55 -26.07 -6.09
CA LEU C 254 44.47 -27.11 -5.06
C LEU C 254 45.78 -27.80 -4.70
N HIS C 255 46.83 -27.55 -5.45
CA HIS C 255 48.11 -28.22 -5.20
C HIS C 255 48.74 -28.34 -3.83
N ASN C 256 48.86 -27.26 -3.08
CA ASN C 256 49.43 -27.40 -1.77
C ASN C 256 48.32 -27.57 -0.77
N ALA C 257 47.41 -28.52 -1.01
CA ALA C 257 46.29 -28.70 -0.08
C ALA C 257 46.27 -29.96 0.72
N LYS C 258 45.83 -29.85 1.97
CA LYS C 258 45.76 -30.98 2.87
C LYS C 258 44.98 -32.09 2.22
N ALA C 259 45.34 -33.34 2.49
CA ALA C 259 44.66 -34.51 1.96
C ALA C 259 43.19 -34.45 2.28
N ASN C 260 42.92 -34.17 3.54
CA ASN C 260 41.55 -34.07 4.02
C ASN C 260 40.72 -32.86 3.59
N MET C 261 41.28 -31.97 2.80
CA MET C 261 40.61 -30.75 2.40
C MET C 261 39.47 -31.04 1.45
N LYS C 262 38.31 -30.42 1.69
CA LYS C 262 37.16 -30.59 0.78
C LYS C 262 36.64 -29.23 0.35
N VAL C 263 36.20 -29.19 -0.90
CA VAL C 263 35.64 -27.98 -1.50
C VAL C 263 34.12 -28.12 -1.53
N LEU C 264 33.43 -27.17 -0.87
CA LEU C 264 31.96 -27.08 -0.81
C LEU C 264 31.39 -25.83 -1.52
N HIS C 265 30.14 -25.91 -1.95
CA HIS C 265 29.44 -24.85 -2.70
C HIS C 265 27.95 -25.22 -2.66
N PRO C 266 27.10 -24.29 -2.23
CA PRO C 266 25.68 -24.61 -2.15
C PRO C 266 25.07 -24.88 -3.49
N LEU C 267 25.76 -24.39 -4.50
CA LEU C 267 25.32 -24.52 -5.89
C LEU C 267 24.09 -23.61 -6.07
N PRO C 268 23.80 -23.22 -7.32
CA PRO C 268 24.48 -23.51 -8.57
C PRO C 268 25.83 -22.87 -8.71
N ARG C 269 26.83 -23.58 -9.21
CA ARG C 269 28.14 -22.99 -9.45
C ARG C 269 28.03 -22.55 -10.91
N VAL C 270 28.85 -21.59 -11.33
CA VAL C 270 28.81 -21.15 -12.71
C VAL C 270 30.21 -20.91 -13.15
N ASP C 271 30.88 -19.91 -12.60
CA ASP C 271 32.27 -19.67 -12.99
C ASP C 271 33.24 -19.96 -11.89
N GLU C 272 32.78 -19.71 -10.67
CA GLU C 272 33.63 -19.85 -9.51
C GLU C 272 34.42 -21.13 -9.34
N ILE C 273 33.87 -22.28 -9.69
CA ILE C 273 34.65 -23.50 -9.57
C ILE C 273 34.87 -24.02 -10.95
N ALA C 274 36.12 -24.00 -11.37
CA ALA C 274 36.44 -24.52 -12.68
C ALA C 274 36.19 -26.04 -12.75
N THR C 275 35.68 -26.48 -13.89
CA THR C 275 35.36 -27.87 -14.17
C THR C 275 36.48 -28.91 -13.96
N ASP C 276 37.77 -28.52 -14.06
CA ASP C 276 38.87 -29.49 -13.85
C ASP C 276 38.97 -29.88 -12.41
N VAL C 277 38.37 -29.05 -11.57
CA VAL C 277 38.34 -29.27 -10.13
C VAL C 277 37.52 -30.51 -9.78
N ASP C 278 36.54 -30.83 -10.63
CA ASP C 278 35.65 -31.98 -10.40
C ASP C 278 36.36 -33.31 -10.31
N LYS C 279 37.47 -33.44 -11.01
CA LYS C 279 38.23 -34.68 -11.02
C LYS C 279 39.14 -34.85 -9.82
N THR C 280 39.51 -33.75 -9.17
CA THR C 280 40.38 -33.86 -8.01
C THR C 280 39.51 -34.35 -6.89
N PRO C 281 40.06 -35.12 -5.93
CA PRO C 281 39.27 -35.63 -4.81
C PRO C 281 38.84 -34.59 -3.75
N HIS C 282 39.06 -33.30 -4.01
CA HIS C 282 38.64 -32.29 -3.07
C HIS C 282 37.25 -31.85 -3.42
N ALA C 283 36.84 -32.04 -4.66
CA ALA C 283 35.51 -31.63 -5.04
C ALA C 283 34.48 -32.38 -4.22
N TRP C 284 33.58 -31.69 -3.53
CA TRP C 284 32.59 -32.42 -2.77
C TRP C 284 31.24 -31.77 -2.84
N TYR C 285 31.12 -30.79 -3.74
CA TYR C 285 29.86 -30.10 -3.92
C TYR C 285 28.69 -31.03 -4.32
N PHE C 286 28.95 -32.03 -5.15
CA PHE C 286 27.88 -32.91 -5.55
C PHE C 286 27.53 -33.92 -4.43
N GLN C 287 28.54 -34.38 -3.68
CA GLN C 287 28.27 -35.32 -2.58
C GLN C 287 27.57 -34.57 -1.44
N GLN C 288 27.63 -33.25 -1.48
CA GLN C 288 27.02 -32.37 -0.48
C GLN C 288 25.56 -32.30 -0.84
N ALA C 289 25.26 -31.98 -2.08
CA ALA C 289 23.88 -31.94 -2.52
C ALA C 289 23.27 -33.29 -2.15
N GLY C 290 24.08 -34.35 -2.24
CA GLY C 290 23.60 -35.69 -1.92
C GLY C 290 23.25 -35.87 -0.46
N ASN C 291 24.08 -35.31 0.42
CA ASN C 291 23.80 -35.43 1.82
C ASN C 291 22.60 -34.63 2.27
N GLY C 292 22.15 -33.72 1.42
CA GLY C 292 20.99 -32.93 1.77
C GLY C 292 19.84 -33.88 1.98
N ILE C 293 19.83 -34.98 1.24
CA ILE C 293 18.76 -35.94 1.34
C ILE C 293 18.67 -36.51 2.73
N PHE C 294 19.81 -36.72 3.39
CA PHE C 294 19.80 -37.32 4.71
C PHE C 294 19.50 -36.35 5.80
N ALA C 295 20.11 -35.17 5.74
CA ALA C 295 19.85 -34.15 6.77
C ALA C 295 18.36 -33.84 6.79
N ARG C 296 17.73 -33.93 5.63
CA ARG C 296 16.31 -33.64 5.52
C ARG C 296 15.41 -34.75 5.99
N GLN C 297 15.86 -36.00 5.87
CA GLN C 297 15.09 -37.15 6.33
C GLN C 297 15.11 -37.20 7.84
N ALA C 298 16.24 -36.89 8.42
CA ALA C 298 16.44 -36.91 9.86
C ALA C 298 15.49 -35.95 10.51
N LEU C 299 15.45 -34.74 9.98
CA LEU C 299 14.58 -33.74 10.52
C LEU C 299 13.11 -34.22 10.41
N LEU C 300 12.66 -34.65 9.22
CA LEU C 300 11.27 -35.09 9.05
C LEU C 300 10.98 -36.25 9.96
N ALA C 301 11.99 -37.08 10.19
CA ALA C 301 11.81 -38.21 11.05
C ALA C 301 11.72 -37.76 12.50
N LEU C 302 12.58 -36.85 12.92
CA LEU C 302 12.61 -36.39 14.30
C LEU C 302 11.36 -35.68 14.71
N VAL C 303 10.94 -34.76 13.86
CA VAL C 303 9.77 -33.95 14.08
C VAL C 303 8.45 -34.73 14.11
N LEU C 304 8.33 -35.87 13.44
CA LEU C 304 7.05 -36.59 13.43
C LEU C 304 6.91 -37.91 14.22
N ASN C 305 7.98 -38.34 14.91
CA ASN C 305 7.94 -39.59 15.71
C ASN C 305 8.43 -39.31 17.09
N ARG C 306 7.56 -39.49 18.08
CA ARG C 306 7.93 -39.24 19.47
C ARG C 306 9.22 -40.01 19.80
N ASP C 307 9.37 -41.19 19.23
CA ASP C 307 10.57 -41.98 19.50
C ASP C 307 11.08 -42.66 18.29
N LEU C 308 12.40 -42.67 18.17
CA LEU C 308 13.05 -43.36 17.06
C LEU C 308 13.95 -44.42 17.66
N VAL C 309 13.94 -45.59 17.07
CA VAL C 309 14.79 -46.68 17.56
C VAL C 309 15.68 -47.12 16.39
N LEU C 310 16.39 -46.15 15.85
CA LEU C 310 17.30 -46.41 14.74
C LEU C 310 18.54 -47.11 15.35
N MET D 1 4.27 16.19 39.57
CA MET D 1 5.28 16.92 40.41
C MET D 1 5.25 18.45 40.13
N THR D 2 4.07 18.96 39.71
CA THR D 2 3.87 20.39 39.42
C THR D 2 2.91 20.94 40.45
N HIS D 3 3.29 22.04 41.08
CA HIS D 3 2.46 22.65 42.11
C HIS D 3 2.14 24.13 41.85
N ASP D 4 0.86 24.42 41.58
CA ASP D 4 0.43 25.80 41.40
C ASP D 4 -0.63 26.04 42.48
N ASN D 5 -0.48 27.12 43.23
CA ASN D 5 -1.40 27.35 44.32
C ASN D 5 -2.35 28.56 44.16
N LYS D 6 -2.54 29.05 42.94
CA LYS D 6 -3.43 30.20 42.69
C LYS D 6 -4.47 29.80 41.63
N LEU D 7 -3.98 29.55 40.42
CA LEU D 7 -4.82 29.07 39.33
C LEU D 7 -4.45 27.58 39.51
N GLN D 8 -5.30 26.87 40.24
CA GLN D 8 -5.08 25.49 40.61
C GLN D 8 -5.60 24.46 39.64
N VAL D 9 -4.92 23.33 39.65
CA VAL D 9 -5.28 22.13 38.84
C VAL D 9 -5.58 21.03 39.88
N GLU D 10 -6.79 20.49 39.83
CA GLU D 10 -7.25 19.45 40.76
C GLU D 10 -6.45 18.12 40.67
N ALA D 11 -6.44 17.34 41.76
CA ALA D 11 -5.74 16.04 41.81
C ALA D 11 -6.84 14.97 42.06
N ILE D 12 -6.66 13.81 41.44
CA ILE D 12 -7.59 12.71 41.61
C ILE D 12 -7.37 12.01 42.93
N LYS D 13 -8.33 11.13 43.22
CA LYS D 13 -8.33 10.35 44.45
C LYS D 13 -7.48 9.08 44.29
N ARG D 14 -7.82 8.29 43.27
CA ARG D 14 -7.14 7.03 42.97
C ARG D 14 -6.81 6.99 41.46
N GLY D 15 -5.85 6.15 41.12
CA GLY D 15 -5.46 6.03 39.73
C GLY D 15 -3.96 6.24 39.49
N THR D 16 -3.58 6.75 38.33
CA THR D 16 -2.17 6.96 38.04
C THR D 16 -1.84 8.29 37.41
N VAL D 17 -0.75 8.88 37.90
CA VAL D 17 -0.30 10.15 37.39
C VAL D 17 0.97 9.92 36.62
N ILE D 18 0.90 10.07 35.31
CA ILE D 18 2.10 9.91 34.54
C ILE D 18 2.74 11.28 34.40
N ASP D 19 3.64 11.60 35.34
CA ASP D 19 4.33 12.87 35.39
C ASP D 19 5.69 12.91 34.69
N HIS D 20 6.18 14.13 34.45
CA HIS D 20 7.46 14.38 33.79
C HIS D 20 7.61 13.67 32.47
N ILE D 21 6.71 14.03 31.56
CA ILE D 21 6.72 13.48 30.23
C ILE D 21 7.35 14.62 29.44
N PRO D 22 8.40 14.32 28.67
CA PRO D 22 8.99 15.42 27.90
C PRO D 22 7.95 15.96 26.93
N ALA D 23 7.98 17.26 26.66
CA ALA D 23 7.01 17.85 25.76
C ALA D 23 6.92 17.13 24.40
N GLN D 24 5.75 17.23 23.78
CA GLN D 24 5.42 16.59 22.50
C GLN D 24 5.32 15.05 22.52
N ILE D 25 5.70 14.42 23.63
CA ILE D 25 5.62 12.96 23.71
C ILE D 25 4.30 12.47 24.36
N GLY D 26 3.75 13.28 25.26
CA GLY D 26 2.51 12.92 25.94
C GLY D 26 1.40 12.51 25.00
N PHE D 27 1.50 12.92 23.74
CA PHE D 27 0.46 12.55 22.79
C PHE D 27 0.79 11.24 22.09
N LYS D 28 2.07 11.00 21.79
CA LYS D 28 2.50 9.76 21.16
C LYS D 28 1.95 8.72 22.08
N LEU D 29 2.38 8.82 23.35
CA LEU D 29 1.96 7.93 24.40
C LEU D 29 0.47 7.71 24.36
N LEU D 30 -0.29 8.79 24.26
CA LEU D 30 -1.73 8.69 24.22
C LEU D 30 -2.22 7.80 23.09
N SER D 31 -1.73 8.08 21.88
CA SER D 31 -2.13 7.33 20.69
C SER D 31 -1.59 5.92 20.78
N LEU D 32 -0.26 5.83 20.83
CA LEU D 32 0.44 4.56 20.87
C LEU D 32 -0.02 3.43 21.79
N PHE D 33 -0.33 3.76 23.05
CA PHE D 33 -0.74 2.72 24.00
C PHE D 33 -2.24 2.72 24.26
N LYS D 34 -2.94 3.54 23.46
CA LYS D 34 -4.38 3.69 23.49
C LYS D 34 -4.89 3.91 24.89
N LEU D 35 -4.43 4.98 25.49
CA LEU D 35 -4.79 5.35 26.85
C LEU D 35 -6.14 6.05 26.97
N THR D 36 -6.70 6.49 25.84
CA THR D 36 -7.98 7.16 25.83
C THR D 36 -9.14 6.20 25.66
N GLU D 37 -8.88 5.05 25.05
CA GLU D 37 -9.95 4.08 24.81
C GLU D 37 -10.44 3.48 26.13
N THR D 38 -10.95 4.33 27.02
CA THR D 38 -11.46 3.95 28.35
C THR D 38 -12.51 4.97 28.76
N ASP D 39 -13.43 4.55 29.63
CA ASP D 39 -14.51 5.40 30.11
C ASP D 39 -14.05 6.23 31.30
N GLN D 40 -13.01 5.76 31.98
CA GLN D 40 -12.49 6.49 33.14
C GLN D 40 -12.17 7.94 32.84
N ARG D 41 -12.27 8.77 33.86
CA ARG D 41 -12.02 10.17 33.70
C ARG D 41 -10.54 10.41 33.61
N ILE D 42 -10.06 10.78 32.43
CA ILE D 42 -8.66 11.06 32.25
C ILE D 42 -8.61 12.57 32.22
N THR D 43 -7.42 13.11 32.44
CA THR D 43 -7.15 14.54 32.43
C THR D 43 -5.74 14.64 31.85
N ILE D 44 -5.54 15.53 30.89
CA ILE D 44 -4.23 15.64 30.29
C ILE D 44 -3.78 17.09 30.33
N GLY D 45 -2.47 17.31 30.44
CA GLY D 45 -1.94 18.65 30.49
C GLY D 45 -0.74 18.66 29.59
N LEU D 46 -0.71 19.53 28.58
CA LEU D 46 0.43 19.55 27.66
C LEU D 46 1.20 20.85 27.72
N ASN D 47 2.52 20.70 27.70
CA ASN D 47 3.41 21.84 27.75
C ASN D 47 3.40 22.57 29.07
N LEU D 48 2.90 21.92 30.12
CA LEU D 48 2.89 22.54 31.44
C LEU D 48 4.35 22.80 31.79
N PRO D 49 4.67 23.98 32.29
CA PRO D 49 6.07 24.22 32.62
C PRO D 49 6.45 23.66 33.97
N SER D 50 7.74 23.33 34.08
CA SER D 50 8.34 22.81 35.28
C SER D 50 9.84 22.87 34.93
N GLY D 51 10.42 24.02 35.25
CA GLY D 51 11.83 24.33 34.98
C GLY D 51 12.84 23.21 34.96
N GLU D 52 12.63 22.16 35.77
CA GLU D 52 13.58 21.04 35.81
C GLU D 52 13.81 20.37 34.45
N MET D 53 13.01 20.79 33.45
CA MET D 53 13.13 20.32 32.07
C MET D 53 12.53 21.29 31.04
N GLY D 54 11.93 22.40 31.53
CA GLY D 54 11.36 23.42 30.64
C GLY D 54 9.84 23.33 30.46
N ARG D 55 9.43 22.52 29.48
CA ARG D 55 8.02 22.30 29.20
C ARG D 55 7.81 20.80 29.35
N LYS D 56 6.68 20.40 29.89
CA LYS D 56 6.44 18.96 30.04
C LYS D 56 4.99 18.65 29.77
N ASP D 57 4.68 17.35 29.70
CA ASP D 57 3.33 16.85 29.48
C ASP D 57 3.04 16.11 30.77
N LEU D 58 1.76 15.91 31.07
CA LEU D 58 1.36 15.27 32.32
C LEU D 58 -0.02 14.69 32.13
N ILE D 59 -0.17 13.40 32.37
CA ILE D 59 -1.46 12.68 32.18
C ILE D 59 -1.96 12.02 33.46
N LYS D 60 -3.20 12.28 33.84
CA LYS D 60 -3.77 11.66 35.02
C LYS D 60 -4.88 10.74 34.54
N ILE D 61 -4.87 9.51 35.03
CA ILE D 61 -5.89 8.55 34.64
C ILE D 61 -6.57 8.09 35.92
N GLU D 62 -7.87 8.35 36.02
CA GLU D 62 -8.60 7.99 37.23
C GLU D 62 -8.96 6.51 37.34
N ASN D 63 -8.84 5.97 38.55
CA ASN D 63 -9.17 4.58 38.85
C ASN D 63 -8.61 3.59 37.85
N THR D 64 -7.31 3.68 37.60
CA THR D 64 -6.65 2.81 36.66
C THR D 64 -5.20 2.76 37.10
N PHE D 65 -4.62 1.57 37.13
CA PHE D 65 -3.22 1.39 37.54
C PHE D 65 -2.44 0.71 36.44
N LEU D 66 -1.15 0.98 36.36
CA LEU D 66 -0.33 0.32 35.35
C LEU D 66 0.54 -0.74 36.01
N SER D 67 0.73 -1.85 35.32
CA SER D 67 1.55 -2.93 35.84
C SER D 67 3.00 -2.56 35.66
N GLU D 68 3.86 -3.37 36.24
CA GLU D 68 5.30 -3.15 36.10
C GLU D 68 5.62 -3.20 34.61
N ASP D 69 4.97 -4.14 33.93
CA ASP D 69 5.14 -4.34 32.49
C ASP D 69 4.70 -3.11 31.69
N GLN D 70 3.43 -2.74 31.83
CA GLN D 70 2.84 -1.57 31.16
C GLN D 70 3.67 -0.30 31.31
N VAL D 71 4.22 -0.09 32.48
CA VAL D 71 5.05 1.08 32.78
C VAL D 71 6.34 1.05 31.96
N ASP D 72 6.95 -0.13 31.83
CA ASP D 72 8.19 -0.28 31.08
C ASP D 72 8.15 0.15 29.61
N GLN D 73 7.00 -0.01 28.96
CA GLN D 73 6.90 0.34 27.55
C GLN D 73 7.16 1.82 27.24
N LEU D 74 7.21 2.66 28.27
CA LEU D 74 7.44 4.09 28.06
C LEU D 74 8.91 4.37 28.08
N ALA D 75 9.68 3.35 28.44
CA ALA D 75 11.12 3.48 28.53
C ALA D 75 11.70 4.14 27.29
N LEU D 76 11.23 3.72 26.11
CA LEU D 76 11.76 4.29 24.88
C LEU D 76 11.42 5.72 24.52
N TYR D 77 10.29 6.22 25.02
CA TYR D 77 9.86 7.58 24.69
C TYR D 77 10.15 8.60 25.75
N ALA D 78 9.62 8.34 26.94
CA ALA D 78 9.82 9.20 28.10
C ALA D 78 10.51 8.35 29.15
N PRO D 79 11.81 8.07 28.94
CA PRO D 79 12.64 7.24 29.83
C PRO D 79 12.60 7.67 31.27
N GLN D 80 12.35 8.98 31.47
CA GLN D 80 12.32 9.61 32.80
C GLN D 80 10.95 10.03 33.32
N ALA D 81 9.90 9.54 32.69
CA ALA D 81 8.57 9.88 33.15
C ALA D 81 8.54 9.20 34.51
N ALA D 82 7.87 9.82 35.46
CA ALA D 82 7.73 9.26 36.80
C ALA D 82 6.24 8.89 36.95
N VAL D 83 5.96 7.60 37.04
CA VAL D 83 4.59 7.09 37.19
C VAL D 83 4.24 6.98 38.66
N ASN D 84 3.52 7.97 39.17
CA ASN D 84 3.12 8.05 40.57
C ASN D 84 1.79 7.37 40.75
N ARG D 85 1.80 6.19 41.37
CA ARG D 85 0.56 5.46 41.62
C ARG D 85 -0.12 6.22 42.76
N ILE D 86 -1.44 6.20 42.80
CA ILE D 86 -2.20 6.95 43.81
C ILE D 86 -3.44 6.27 44.34
N ASP D 87 -3.64 6.45 45.63
CA ASP D 87 -4.80 5.92 46.33
C ASP D 87 -5.08 6.74 47.59
N ASN D 88 -6.34 7.13 47.75
CA ASN D 88 -6.80 7.93 48.88
C ASN D 88 -6.20 9.32 48.94
N TYR D 89 -6.26 10.01 47.81
CA TYR D 89 -5.76 11.37 47.72
C TYR D 89 -4.25 11.61 47.87
N GLU D 90 -3.48 10.53 48.01
CA GLU D 90 -2.02 10.64 48.10
C GLU D 90 -1.24 9.51 47.43
N VAL D 91 -0.06 9.86 46.93
CA VAL D 91 0.83 8.93 46.25
C VAL D 91 1.18 7.75 47.13
N VAL D 92 0.57 6.62 46.81
CA VAL D 92 0.77 5.40 47.56
C VAL D 92 1.94 4.62 46.97
N GLY D 93 2.79 5.28 46.21
CA GLY D 93 3.93 4.60 45.60
C GLY D 93 4.35 5.12 44.23
N LYS D 94 5.64 5.37 44.07
CA LYS D 94 6.19 5.90 42.83
C LYS D 94 6.85 4.76 42.05
N SER D 95 7.11 4.97 40.75
CA SER D 95 7.75 3.98 39.86
C SER D 95 8.39 4.67 38.64
N ARG D 96 9.55 4.18 38.22
CA ARG D 96 10.28 4.75 37.08
C ARG D 96 10.32 3.77 35.87
N PRO D 97 10.50 4.28 34.63
CA PRO D 97 10.54 3.46 33.42
C PRO D 97 11.81 2.62 33.15
N SER D 98 11.64 1.30 33.27
CA SER D 98 12.71 0.34 33.04
C SER D 98 12.64 -0.12 31.58
N LEU D 99 13.80 -0.18 30.95
CA LEU D 99 13.88 -0.60 29.54
C LEU D 99 13.45 -2.07 29.52
N PRO D 100 12.39 -2.41 28.77
CA PRO D 100 11.93 -3.79 28.73
C PRO D 100 12.85 -4.62 27.85
N GLU D 101 12.72 -5.94 27.94
CA GLU D 101 13.51 -6.88 27.15
C GLU D 101 12.84 -7.15 25.81
N ARG D 102 11.58 -6.77 25.70
CA ARG D 102 10.81 -6.99 24.48
C ARG D 102 9.75 -5.90 24.38
N ILE D 103 9.47 -5.46 23.16
CA ILE D 103 8.45 -4.41 22.92
C ILE D 103 7.49 -4.85 21.82
N ASP D 104 6.19 -5.02 22.15
CA ASP D 104 5.17 -5.45 21.17
C ASP D 104 4.32 -4.29 20.65
N ASN D 105 3.40 -4.65 19.77
CA ASN D 105 2.37 -3.79 19.18
C ASN D 105 2.53 -2.36 18.75
N VAL D 106 3.63 -1.74 19.05
CA VAL D 106 3.67 -0.34 18.74
C VAL D 106 4.71 0.16 17.73
N LEU D 107 5.74 -0.64 17.50
CA LEU D 107 6.78 -0.32 16.53
C LEU D 107 6.46 -0.97 15.20
N VAL D 108 7.16 -0.54 14.16
CA VAL D 108 6.99 -1.11 12.83
C VAL D 108 8.34 -1.60 12.38
N CYS D 109 8.36 -2.71 11.66
CA CYS D 109 9.62 -3.21 11.19
C CYS D 109 10.08 -2.40 9.98
N PRO D 110 11.29 -1.86 10.06
CA PRO D 110 11.95 -1.05 9.03
C PRO D 110 12.29 -1.85 7.77
N ASN D 111 12.28 -3.18 7.92
CA ASN D 111 12.57 -4.09 6.82
C ASN D 111 11.40 -4.09 5.87
N SER D 112 11.59 -3.59 4.66
CA SER D 112 10.50 -3.52 3.68
C SER D 112 9.94 -4.90 3.32
N ASN D 113 10.83 -5.90 3.33
CA ASN D 113 10.51 -7.27 2.97
C ASN D 113 9.98 -8.09 4.14
N CYS D 114 10.01 -7.52 5.34
CA CYS D 114 9.49 -8.25 6.49
C CYS D 114 7.99 -8.50 6.29
N ILE D 115 7.58 -9.77 6.43
CA ILE D 115 6.19 -10.21 6.30
C ILE D 115 5.20 -9.53 7.27
N SER D 116 5.70 -9.07 8.42
CA SER D 116 4.85 -8.41 9.38
C SER D 116 4.07 -7.27 8.79
N HIS D 117 4.48 -6.80 7.61
CA HIS D 117 3.83 -5.68 6.96
C HIS D 117 2.41 -5.85 6.42
N ALA D 118 2.14 -6.96 5.73
CA ALA D 118 0.80 -7.21 5.19
C ALA D 118 -0.07 -8.19 6.00
N GLU D 119 0.42 -8.65 7.14
CA GLU D 119 -0.32 -9.63 7.89
C GLU D 119 -0.99 -9.22 9.22
N PRO D 120 -1.94 -10.05 9.71
CA PRO D 120 -2.70 -9.88 10.95
C PRO D 120 -1.84 -10.28 12.14
N VAL D 121 -0.58 -9.84 12.13
CA VAL D 121 0.31 -10.16 13.23
C VAL D 121 0.75 -8.89 13.89
N SER D 122 0.77 -8.93 15.22
CA SER D 122 1.22 -7.83 16.05
C SER D 122 2.74 -7.89 16.01
N SER D 123 3.39 -6.76 15.76
CA SER D 123 4.85 -6.74 15.71
C SER D 123 5.38 -7.07 17.10
N SER D 124 6.67 -7.42 17.18
CA SER D 124 7.34 -7.73 18.42
C SER D 124 8.87 -7.62 18.19
N PHE D 125 9.53 -6.86 19.06
CA PHE D 125 10.97 -6.63 19.00
C PHE D 125 11.66 -7.03 20.32
N ALA D 126 12.88 -7.53 20.20
CA ALA D 126 13.65 -7.88 21.38
C ALA D 126 14.50 -6.60 21.56
N VAL D 127 14.73 -6.21 22.81
CA VAL D 127 15.54 -5.03 23.10
C VAL D 127 16.92 -5.49 23.63
N ARG D 128 17.98 -4.73 23.34
CA ARG D 128 19.33 -5.11 23.74
C ARG D 128 20.23 -3.89 23.90
N LYS D 129 20.39 -3.43 25.14
CA LYS D 129 21.19 -2.26 25.40
C LYS D 129 22.65 -2.53 25.18
N ARG D 130 23.12 -2.13 24.01
CA ARG D 130 24.53 -2.28 23.63
C ARG D 130 25.14 -0.87 23.56
N ALA D 131 26.32 -0.72 24.17
CA ALA D 131 27.06 0.54 24.24
C ALA D 131 26.56 1.65 23.37
N ASN D 132 26.05 2.69 24.03
CA ASN D 132 25.54 3.89 23.43
C ASN D 132 24.06 3.90 23.05
N ASP D 133 23.61 2.86 22.35
CA ASP D 133 22.22 2.77 21.93
C ASP D 133 21.50 1.40 22.05
N ILE D 134 20.19 1.48 21.82
CA ILE D 134 19.34 0.32 22.00
C ILE D 134 19.15 -0.40 20.67
N ALA D 135 19.32 -1.71 20.71
CA ALA D 135 19.14 -2.55 19.55
C ALA D 135 17.79 -3.25 19.66
N LEU D 136 17.10 -3.37 18.54
CA LEU D 136 15.78 -3.99 18.46
C LEU D 136 15.78 -4.97 17.29
N LYS D 137 15.63 -6.25 17.63
CA LYS D 137 15.64 -7.38 16.70
C LYS D 137 14.25 -7.91 16.44
N CYS D 138 13.78 -7.73 15.21
CA CYS D 138 12.45 -8.16 14.80
C CYS D 138 12.27 -9.63 15.09
N LYS D 139 11.04 -9.98 15.45
CA LYS D 139 10.68 -11.35 15.77
C LYS D 139 10.67 -12.22 14.53
N TYR D 140 10.15 -11.66 13.44
CA TYR D 140 9.98 -12.38 12.18
C TYR D 140 11.19 -12.35 11.26
N CYS D 141 11.58 -11.19 10.78
CA CYS D 141 12.73 -11.18 9.89
C CYS D 141 14.08 -11.27 10.66
N GLU D 142 14.02 -11.17 11.98
CA GLU D 142 15.22 -11.30 12.78
C GLU D 142 16.33 -10.26 12.51
N LYS D 143 16.06 -9.23 11.69
CA LYS D 143 17.06 -8.20 11.43
C LYS D 143 17.10 -7.23 12.63
N GLU D 144 18.31 -6.94 13.10
CA GLU D 144 18.52 -6.06 14.26
C GLU D 144 18.77 -4.63 13.81
N PHE D 145 18.08 -3.68 14.44
CA PHE D 145 18.19 -2.25 14.07
C PHE D 145 18.49 -1.28 15.21
N SER D 146 19.07 -0.14 14.87
CA SER D 146 19.31 0.84 15.91
C SER D 146 17.93 1.36 16.18
N HIS D 147 17.62 1.63 17.44
CA HIS D 147 16.30 2.12 17.78
C HIS D 147 16.01 3.38 17.03
N ASN D 148 17.03 4.22 16.88
CA ASN D 148 16.89 5.53 16.19
C ASN D 148 16.18 5.32 14.87
N VAL D 149 16.49 4.20 14.22
CA VAL D 149 15.89 3.90 12.93
C VAL D 149 14.47 3.35 13.05
N VAL D 150 14.22 2.55 14.07
CA VAL D 150 12.91 1.95 14.23
C VAL D 150 11.85 3.01 14.44
N LEU D 151 12.29 4.21 14.77
CA LEU D 151 11.34 5.31 14.95
C LEU D 151 11.35 6.16 13.67
N ALA D 152 10.69 5.65 12.64
CA ALA D 152 10.61 6.34 11.35
C ALA D 152 9.90 7.69 11.55
N ASN D 153 10.13 8.61 10.62
CA ASN D 153 9.50 9.94 10.66
C ASN D 153 9.64 10.66 9.31
#